data_5XW6
#
_entry.id   5XW6
#
_cell.length_a   113.038
_cell.length_b   113.038
_cell.length_c   333.472
_cell.angle_alpha   90.000
_cell.angle_beta   90.000
_cell.angle_gamma   90.000
#
_symmetry.space_group_name_H-M   'P 41 21 2'
#
loop_
_entity.id
_entity.type
_entity.pdbx_description
1 polymer 'P2X purinoceptor'
2 non-polymer 2-acetamido-2-deoxy-beta-D-glucopyranose
3 non-polymer "SPIRO(2,4,6-TRINITROBENZENE[1,2A]-2O',3O'-METHYLENE-ADENINE-TRIPHOSPHATE"
#
_entity_poly.entity_id   1
_entity_poly.type   'polypeptide(L)'
_entity_poly.pdbx_seq_one_letter_code
;GSGSGSCVKWFIYGVIAVYICYTLIVHKRYQEKEELTSSVRVTLKGVAHVDRIWDAAEYTIPTQTRDSFFVMTNIIRTEN
QIQKTCPEYPTAKAICSSDKSCAKGIVDVHSNGVQTGKCVHYNITHKTCEIKAWCPVQGEERPPVPAVLRSSEDFTVFIK
NNIHFPTFQYTVQNISPKLNTSCKFNKVTAPLCPIFRLGDILQEAKENFSEMAVKGGIIAIEIKWDCDLDSWSYYCSPEY
SFRRLDDKTRTQYPGFSIRFARHYKLPDGTEQRTLFKAYGIRFDVLVFGMGGQFKLIELFTFIGSTIAYFGLAVTIIEMC
FHLYNLE
;
_entity_poly.pdbx_strand_id   C,A,B
#
loop_
_chem_comp.id
_chem_comp.type
_chem_comp.name
_chem_comp.formula
128 RNA linking SPIRO(2,4,6-TRINITROBENZENE[1,2A]-2O',3O'-METHYLENE-ADENINE-TRIPHOSPHATE 'C16 H17 N8 O19 P3'
NAG D-saccharide, beta linking 2-acetamido-2-deoxy-beta-D-glucopyranose 'C8 H15 N O6'
#
# COMPACT_ATOMS: atom_id res chain seq x y z
N SER A 6 54.10 -10.82 -27.99
CA SER A 6 54.28 -12.27 -27.88
C SER A 6 52.96 -12.95 -27.58
N CYS A 7 53.06 -14.12 -26.96
CA CYS A 7 51.87 -14.88 -26.58
C CYS A 7 51.09 -14.17 -25.47
N VAL A 8 51.77 -13.67 -24.43
CA VAL A 8 51.07 -13.07 -23.30
C VAL A 8 50.26 -11.85 -23.73
N LYS A 9 50.79 -11.07 -24.67
CA LYS A 9 50.12 -9.85 -25.12
C LYS A 9 48.77 -10.17 -25.77
N TRP A 10 48.77 -11.04 -26.77
CA TRP A 10 47.54 -11.39 -27.45
C TRP A 10 46.64 -12.28 -26.60
N PHE A 11 47.18 -12.94 -25.57
CA PHE A 11 46.32 -13.56 -24.57
C PHE A 11 45.53 -12.49 -23.82
N ILE A 12 46.18 -11.38 -23.47
CA ILE A 12 45.47 -10.28 -22.84
C ILE A 12 44.44 -9.67 -23.79
N TYR A 13 44.81 -9.48 -25.07
CA TYR A 13 43.83 -8.96 -26.03
C TYR A 13 42.64 -9.90 -26.19
N GLY A 14 42.90 -11.21 -26.24
CA GLY A 14 41.81 -12.15 -26.32
C GLY A 14 40.91 -12.10 -25.10
N VAL A 15 41.50 -12.01 -23.90
CA VAL A 15 40.69 -11.88 -22.70
C VAL A 15 39.82 -10.62 -22.77
N ILE A 16 40.38 -9.50 -23.25
CA ILE A 16 39.61 -8.27 -23.37
C ILE A 16 38.45 -8.47 -24.35
N ALA A 17 38.70 -9.04 -25.53
CA ALA A 17 37.66 -9.24 -26.52
C ALA A 17 36.57 -10.18 -25.99
N VAL A 18 36.98 -11.32 -25.44
CA VAL A 18 36.03 -12.28 -24.87
C VAL A 18 35.21 -11.62 -23.77
N TYR A 19 35.83 -10.75 -22.96
CA TYR A 19 35.08 -10.08 -21.90
C TYR A 19 34.07 -9.10 -22.46
N ILE A 20 34.44 -8.32 -23.49
CA ILE A 20 33.49 -7.39 -24.09
C ILE A 20 32.30 -8.15 -24.65
N CYS A 21 32.56 -9.30 -25.29
CA CYS A 21 31.48 -10.11 -25.85
C CYS A 21 30.60 -10.70 -24.76
N TYR A 22 31.22 -11.25 -23.70
CA TYR A 22 30.48 -11.75 -22.56
C TYR A 22 29.57 -10.67 -21.99
N THR A 23 30.12 -9.50 -21.71
CA THR A 23 29.32 -8.40 -21.18
C THR A 23 28.18 -8.06 -22.12
N LEU A 24 28.48 -7.86 -23.41
CA LEU A 24 27.47 -7.48 -24.38
C LEU A 24 26.30 -8.47 -24.38
N ILE A 25 26.60 -9.76 -24.57
CA ILE A 25 25.55 -10.76 -24.77
C ILE A 25 24.89 -11.15 -23.46
N VAL A 26 25.69 -11.59 -22.49
CA VAL A 26 25.14 -12.13 -21.26
C VAL A 26 24.42 -11.06 -20.46
N HIS A 27 25.01 -9.87 -20.34
CA HIS A 27 24.36 -8.77 -19.63
C HIS A 27 23.45 -7.94 -20.52
N LYS A 28 23.34 -8.29 -21.81
CA LYS A 28 22.43 -7.61 -22.73
C LYS A 28 22.59 -6.09 -22.65
N ARG A 29 23.83 -5.65 -22.87
CA ARG A 29 24.13 -4.23 -22.83
C ARG A 29 23.60 -3.47 -24.04
N TYR A 30 23.07 -4.20 -25.05
CA TYR A 30 22.48 -3.55 -26.20
C TYR A 30 21.03 -3.10 -25.98
N GLN A 31 20.39 -3.51 -24.90
CA GLN A 31 19.00 -3.17 -24.69
C GLN A 31 18.82 -2.18 -23.56
N GLU A 32 17.83 -1.31 -23.71
CA GLU A 32 17.35 -0.48 -22.62
C GLU A 32 16.53 -1.33 -21.65
N LYS A 33 16.71 -1.07 -20.35
CA LYS A 33 15.97 -1.78 -19.33
C LYS A 33 15.02 -0.84 -18.61
N GLU A 34 13.91 -1.40 -18.15
CA GLU A 34 12.88 -0.61 -17.48
C GLU A 34 12.24 -1.45 -16.41
N GLU A 35 11.92 -0.82 -15.29
CA GLU A 35 11.25 -1.48 -14.20
C GLU A 35 9.75 -1.46 -14.44
N LEU A 36 9.09 -2.59 -14.21
CA LEU A 36 7.67 -2.72 -14.50
C LEU A 36 6.81 -1.98 -13.48
N THR A 37 5.58 -1.64 -13.87
CA THR A 37 4.56 -1.14 -12.95
C THR A 37 3.40 -2.13 -12.93
N SER A 38 3.03 -2.55 -11.73
CA SER A 38 2.14 -3.69 -11.54
C SER A 38 0.75 -3.28 -11.07
N SER A 39 -0.20 -4.16 -11.34
CA SER A 39 -1.58 -4.01 -10.88
C SER A 39 -2.13 -5.39 -10.54
N VAL A 40 -2.65 -5.53 -9.32
CA VAL A 40 -3.18 -6.80 -8.82
C VAL A 40 -4.65 -6.64 -8.49
N ARG A 41 -5.46 -7.61 -8.92
CA ARG A 41 -6.84 -7.80 -8.47
C ARG A 41 -7.01 -9.24 -8.03
N VAL A 42 -7.80 -9.47 -7.00
CA VAL A 42 -8.04 -10.84 -6.53
C VAL A 42 -9.53 -11.08 -6.41
N THR A 43 -9.95 -12.33 -6.63
CA THR A 43 -11.33 -12.73 -6.39
C THR A 43 -11.32 -14.06 -5.67
N LEU A 44 -12.01 -14.12 -4.54
CA LEU A 44 -12.03 -15.32 -3.73
C LEU A 44 -13.29 -16.13 -4.02
N LYS A 45 -13.16 -17.45 -3.99
CA LYS A 45 -14.28 -18.37 -4.16
C LYS A 45 -14.25 -19.46 -3.10
N GLY A 46 -15.38 -19.71 -2.47
CA GLY A 46 -15.53 -20.81 -1.54
C GLY A 46 -16.54 -20.52 -0.45
N VAL A 47 -17.06 -21.61 0.15
CA VAL A 47 -18.06 -21.53 1.23
C VAL A 47 -17.72 -22.56 2.29
N ALA A 48 -17.89 -22.15 3.54
CA ALA A 48 -17.75 -23.00 4.71
C ALA A 48 -19.06 -23.01 5.46
N HIS A 49 -19.51 -24.18 5.87
CA HIS A 49 -20.71 -24.29 6.69
C HIS A 49 -20.24 -24.77 8.05
N VAL A 50 -20.04 -23.82 8.96
CA VAL A 50 -19.69 -24.15 10.35
C VAL A 50 -20.51 -23.27 11.26
N ASP A 51 -21.65 -23.79 11.73
CA ASP A 51 -22.55 -23.10 12.66
C ASP A 51 -23.17 -21.86 12.01
N ARG A 52 -22.76 -21.54 10.78
CA ARG A 52 -23.16 -20.38 10.00
C ARG A 52 -22.65 -20.63 8.59
N ILE A 53 -23.20 -19.90 7.63
CA ILE A 53 -22.77 -20.04 6.26
C ILE A 53 -21.79 -18.90 5.93
N TRP A 54 -20.52 -19.26 5.81
CA TRP A 54 -19.46 -18.31 5.51
C TRP A 54 -19.20 -18.33 4.00
N ASP A 55 -19.82 -17.42 3.28
CA ASP A 55 -19.42 -17.16 1.91
C ASP A 55 -18.46 -15.97 1.93
N ALA A 56 -18.07 -15.49 0.75
CA ALA A 56 -17.02 -14.47 0.73
C ALA A 56 -17.42 -13.22 1.50
N ALA A 57 -18.71 -12.84 1.44
CA ALA A 57 -19.16 -11.63 2.15
C ALA A 57 -19.01 -11.75 3.66
N GLU A 58 -18.88 -12.97 4.18
CA GLU A 58 -18.73 -13.18 5.61
C GLU A 58 -17.26 -13.26 6.02
N TYR A 59 -16.40 -13.93 5.25
CA TYR A 59 -15.03 -14.16 5.66
C TYR A 59 -14.00 -13.20 5.05
N THR A 60 -14.43 -12.11 4.40
CA THR A 60 -13.54 -11.05 3.94
C THR A 60 -14.08 -9.71 4.42
N ILE A 61 -13.24 -8.67 4.33
CA ILE A 61 -13.73 -7.30 4.54
C ILE A 61 -13.48 -6.55 3.24
N PRO A 62 -14.27 -5.53 2.90
CA PRO A 62 -14.10 -4.83 1.61
C PRO A 62 -12.69 -4.33 1.36
N THR A 63 -12.13 -4.74 0.23
CA THR A 63 -10.71 -4.57 -0.06
C THR A 63 -10.54 -3.39 -1.01
N GLN A 64 -10.07 -2.27 -0.49
CA GLN A 64 -9.71 -1.16 -1.35
C GLN A 64 -8.21 -1.11 -1.60
N THR A 65 -7.45 -1.95 -0.90
CA THR A 65 -6.00 -1.99 -1.04
C THR A 65 -5.60 -2.70 -2.31
N ARG A 66 -4.49 -2.27 -2.89
CA ARG A 66 -4.06 -2.82 -4.17
C ARG A 66 -2.99 -3.90 -4.08
N ASP A 67 -2.42 -4.15 -2.89
CA ASP A 67 -1.28 -5.02 -2.71
C ASP A 67 -1.58 -6.26 -1.90
N SER A 68 -2.77 -6.38 -1.33
CA SER A 68 -2.97 -7.42 -0.35
C SER A 68 -4.46 -7.75 -0.24
N PHE A 69 -4.73 -8.92 0.34
CA PHE A 69 -6.09 -9.34 0.63
C PHE A 69 -6.08 -10.28 1.83
N PHE A 70 -7.20 -10.31 2.56
CA PHE A 70 -7.30 -10.96 3.86
C PHE A 70 -8.40 -12.02 3.86
N VAL A 71 -8.08 -13.21 4.36
CA VAL A 71 -9.03 -14.31 4.49
C VAL A 71 -9.15 -14.65 5.97
N MET A 72 -10.37 -14.72 6.48
CA MET A 72 -10.55 -15.08 7.88
C MET A 72 -10.39 -16.57 8.05
N THR A 73 -9.62 -16.96 9.05
CA THR A 73 -9.49 -18.37 9.40
C THR A 73 -10.07 -18.73 10.76
N ASN A 74 -10.08 -17.83 11.74
CA ASN A 74 -10.62 -18.15 13.06
C ASN A 74 -11.38 -16.96 13.61
N ILE A 75 -12.38 -17.22 14.46
CA ILE A 75 -13.31 -16.17 14.85
C ILE A 75 -13.62 -16.25 16.34
N ILE A 76 -13.63 -15.10 17.00
CA ILE A 76 -14.17 -14.95 18.35
C ILE A 76 -15.23 -13.85 18.32
N ARG A 77 -16.46 -14.20 18.67
CA ARG A 77 -17.55 -13.22 18.66
C ARG A 77 -18.10 -13.07 20.07
N THR A 78 -18.42 -11.83 20.43
CA THR A 78 -19.07 -11.53 21.70
C THR A 78 -20.25 -10.61 21.41
N GLU A 79 -21.46 -11.11 21.67
CA GLU A 79 -22.68 -10.49 21.21
C GLU A 79 -23.36 -9.73 22.33
N ASN A 80 -24.22 -8.80 21.91
CA ASN A 80 -25.14 -8.10 22.80
C ASN A 80 -24.39 -7.37 23.90
N GLN A 81 -23.20 -6.83 23.58
CA GLN A 81 -22.49 -6.03 24.56
C GLN A 81 -22.96 -4.59 24.51
N ILE A 82 -23.17 -4.02 25.70
CA ILE A 82 -23.72 -2.69 25.94
C ILE A 82 -22.73 -1.87 26.78
N GLN A 83 -22.74 -0.56 26.55
CA GLN A 83 -21.90 0.36 27.33
C GLN A 83 -22.45 0.48 28.75
N LYS A 84 -21.69 -0.01 29.73
CA LYS A 84 -22.05 0.00 31.14
C LYS A 84 -20.80 -0.38 31.94
N THR A 85 -20.95 -0.64 33.25
CA THR A 85 -19.86 -1.13 34.08
C THR A 85 -19.96 -2.65 34.21
N CYS A 86 -18.81 -3.30 34.34
CA CYS A 86 -18.74 -4.75 34.50
C CYS A 86 -17.36 -5.12 34.98
N PRO A 87 -17.16 -6.37 35.39
CA PRO A 87 -15.81 -6.85 35.72
C PRO A 87 -14.94 -6.90 34.48
N GLU A 88 -13.66 -6.56 34.67
CA GLU A 88 -12.67 -6.82 33.65
C GLU A 88 -12.59 -8.31 33.39
N TYR A 89 -12.08 -8.70 32.23
CA TYR A 89 -11.89 -10.13 32.04
C TYR A 89 -10.73 -10.61 32.90
N PRO A 90 -10.85 -11.80 33.55
CA PRO A 90 -9.78 -12.23 34.46
C PRO A 90 -8.55 -12.77 33.75
N THR A 91 -7.62 -11.89 33.44
CA THR A 91 -6.33 -12.31 32.91
C THR A 91 -5.29 -11.96 33.96
N ALA A 92 -4.26 -12.80 34.08
CA ALA A 92 -3.24 -12.54 35.09
C ALA A 92 -2.82 -11.10 34.94
N LYS A 93 -2.65 -10.41 36.06
CA LYS A 93 -2.29 -8.99 36.15
C LYS A 93 -3.54 -8.10 35.94
N ALA A 94 -4.71 -8.67 35.65
CA ALA A 94 -5.98 -7.96 35.78
C ALA A 94 -6.72 -8.35 37.05
N ILE A 95 -6.27 -9.43 37.74
CA ILE A 95 -6.88 -9.92 38.96
C ILE A 95 -6.48 -9.03 40.14
N CYS A 96 -7.40 -8.89 41.09
CA CYS A 96 -7.22 -8.07 42.27
C CYS A 96 -7.86 -8.75 43.47
N SER A 97 -7.34 -8.46 44.67
CA SER A 97 -7.99 -8.82 45.92
C SER A 97 -8.72 -7.65 46.58
N SER A 98 -8.22 -6.43 46.45
CA SER A 98 -8.78 -5.30 47.13
C SER A 98 -8.73 -4.07 46.22
N ASP A 99 -9.52 -3.06 46.60
CA ASP A 99 -9.71 -1.90 45.75
C ASP A 99 -8.44 -1.08 45.55
N LYS A 100 -7.44 -1.24 46.42
CA LYS A 100 -6.24 -0.44 46.25
C LYS A 100 -5.47 -0.86 45.02
N SER A 101 -5.63 -2.12 44.57
CA SER A 101 -4.96 -2.60 43.37
C SER A 101 -5.56 -1.99 42.11
N CYS A 102 -6.82 -1.61 42.17
CA CYS A 102 -7.53 -1.02 41.04
C CYS A 102 -7.48 0.49 41.16
N ALA A 103 -6.64 1.13 40.35
CA ALA A 103 -6.57 2.59 40.36
C ALA A 103 -7.77 3.19 39.65
N LYS A 104 -8.19 4.37 40.09
CA LYS A 104 -9.37 4.98 39.50
C LYS A 104 -8.98 5.77 38.26
N GLY A 105 -9.73 5.58 37.19
CA GLY A 105 -9.52 6.33 35.96
C GLY A 105 -8.24 6.00 35.24
N ILE A 106 -7.81 4.74 35.30
CA ILE A 106 -6.52 4.32 34.75
C ILE A 106 -6.77 3.25 33.69
N VAL A 107 -6.29 3.49 32.49
CA VAL A 107 -6.35 2.52 31.41
C VAL A 107 -4.98 1.88 31.31
N ASP A 108 -4.92 0.58 31.48
CA ASP A 108 -3.67 -0.17 31.42
C ASP A 108 -3.67 -1.01 30.14
N VAL A 109 -2.50 -1.55 29.81
CA VAL A 109 -2.37 -2.26 28.53
C VAL A 109 -3.33 -3.42 28.43
N HIS A 110 -3.63 -4.06 29.55
CA HIS A 110 -4.54 -5.20 29.54
C HIS A 110 -6.00 -4.80 29.67
N SER A 111 -6.30 -3.55 29.98
CA SER A 111 -7.67 -3.18 30.30
C SER A 111 -8.48 -2.80 29.06
N ASN A 112 -9.77 -3.10 29.14
CA ASN A 112 -10.75 -2.82 28.11
C ASN A 112 -11.61 -1.61 28.43
N GLY A 113 -11.26 -0.86 29.45
CA GLY A 113 -12.09 0.26 29.83
C GLY A 113 -11.49 0.96 31.01
N VAL A 114 -12.05 2.13 31.29
CA VAL A 114 -11.60 2.99 32.37
C VAL A 114 -12.01 2.38 33.70
N GLN A 115 -11.05 2.24 34.62
CA GLN A 115 -11.29 1.55 35.89
C GLN A 115 -12.04 2.46 36.86
N THR A 116 -13.07 1.89 37.51
CA THR A 116 -13.81 2.65 38.53
C THR A 116 -13.08 2.72 39.86
N GLY A 117 -12.10 1.84 40.08
CA GLY A 117 -11.37 1.81 41.33
C GLY A 117 -11.89 0.81 42.34
N LYS A 118 -13.01 0.13 42.06
CA LYS A 118 -13.50 -0.97 42.90
C LYS A 118 -13.01 -2.31 42.36
N CYS A 119 -12.83 -3.26 43.28
CA CYS A 119 -12.44 -4.61 42.94
C CYS A 119 -13.66 -5.51 43.12
N VAL A 120 -14.12 -6.10 42.03
CA VAL A 120 -15.43 -6.72 41.96
C VAL A 120 -15.30 -8.15 41.49
N HIS A 121 -16.30 -8.95 41.83
CA HIS A 121 -16.29 -10.37 41.51
C HIS A 121 -16.58 -10.60 40.03
N TYR A 122 -15.76 -11.45 39.41
CA TYR A 122 -16.03 -11.99 38.08
C TYR A 122 -16.69 -13.36 38.19
N ASN A 123 -16.04 -14.29 38.90
CA ASN A 123 -16.61 -15.55 39.35
C ASN A 123 -16.89 -15.48 40.84
N ILE A 124 -17.29 -16.62 41.41
CA ILE A 124 -17.13 -16.83 42.85
C ILE A 124 -15.68 -16.64 43.25
N THR A 125 -14.77 -17.23 42.48
CA THR A 125 -13.37 -17.41 42.82
C THR A 125 -12.49 -16.22 42.40
N HIS A 126 -12.77 -15.60 41.26
CA HIS A 126 -11.89 -14.55 40.73
C HIS A 126 -12.51 -13.17 40.87
N LYS A 127 -11.73 -12.24 41.40
CA LYS A 127 -12.12 -10.84 41.44
C LYS A 127 -11.21 -10.06 40.50
N THR A 128 -11.72 -8.92 40.04
CA THR A 128 -11.04 -8.24 38.95
C THR A 128 -11.48 -6.78 38.98
N CYS A 129 -10.69 -5.91 38.33
CA CYS A 129 -11.00 -4.48 38.40
C CYS A 129 -12.26 -4.11 37.62
N GLU A 130 -13.20 -3.43 38.28
CA GLU A 130 -14.40 -2.97 37.61
C GLU A 130 -14.08 -1.84 36.63
N ILE A 131 -14.76 -1.84 35.49
CA ILE A 131 -14.50 -0.87 34.43
C ILE A 131 -15.79 -0.42 33.78
N LYS A 132 -15.77 0.80 33.24
CA LYS A 132 -16.78 1.25 32.30
C LYS A 132 -16.32 0.82 30.91
N ALA A 133 -17.09 -0.04 30.26
CA ALA A 133 -16.66 -0.64 29.00
C ALA A 133 -17.88 -1.17 28.26
N TRP A 134 -17.62 -1.82 27.13
CA TRP A 134 -18.66 -2.55 26.41
C TRP A 134 -18.81 -3.90 27.07
N CYS A 135 -19.91 -4.09 27.78
CA CYS A 135 -20.05 -5.23 28.67
C CYS A 135 -21.00 -6.27 28.11
N PRO A 136 -20.65 -7.54 28.18
CA PRO A 136 -19.47 -8.14 28.81
C PRO A 136 -18.18 -8.00 27.99
N VAL A 137 -17.05 -7.89 28.68
CA VAL A 137 -15.77 -7.79 28.01
C VAL A 137 -15.47 -9.10 27.30
N GLN A 138 -14.80 -8.99 26.15
CA GLN A 138 -14.39 -10.14 25.35
C GLN A 138 -13.14 -10.77 25.94
N GLY A 139 -13.24 -12.04 26.33
CA GLY A 139 -12.18 -12.63 27.11
C GLY A 139 -11.69 -14.01 26.75
N GLU A 140 -11.91 -14.50 25.54
CA GLU A 140 -11.39 -15.83 25.28
C GLU A 140 -9.86 -15.84 25.32
N GLU A 141 -9.21 -15.00 24.50
CA GLU A 141 -7.76 -14.84 24.46
C GLU A 141 -7.11 -16.15 24.04
N ARG A 142 -7.91 -17.21 23.99
CA ARG A 142 -7.54 -18.52 23.48
C ARG A 142 -8.47 -18.76 22.32
N PRO A 143 -8.00 -18.65 21.09
CA PRO A 143 -8.89 -18.79 19.96
C PRO A 143 -9.34 -20.23 19.87
N PRO A 144 -10.47 -20.50 19.22
CA PRO A 144 -10.95 -21.89 19.14
C PRO A 144 -9.88 -22.86 18.70
N VAL A 145 -9.88 -24.03 19.35
CA VAL A 145 -8.81 -25.03 19.32
C VAL A 145 -8.63 -25.71 17.97
N PRO A 146 -9.66 -26.16 17.24
CA PRO A 146 -9.51 -26.21 15.79
C PRO A 146 -10.07 -24.92 15.21
N ALA A 147 -9.41 -24.42 14.18
CA ALA A 147 -9.83 -23.14 13.60
C ALA A 147 -11.25 -23.22 13.06
N VAL A 148 -12.01 -22.16 13.28
CA VAL A 148 -13.41 -22.17 12.86
C VAL A 148 -13.52 -22.30 11.36
N LEU A 149 -12.74 -21.51 10.63
CA LEU A 149 -12.71 -21.53 9.17
C LEU A 149 -11.51 -22.29 8.60
N ARG A 150 -11.04 -23.33 9.32
CA ARG A 150 -9.96 -24.15 8.80
C ARG A 150 -10.26 -24.66 7.38
N SER A 151 -11.53 -24.93 7.09
CA SER A 151 -11.97 -25.31 5.76
C SER A 151 -11.59 -24.28 4.69
N SER A 152 -11.27 -23.04 5.09
CA SER A 152 -10.82 -22.06 4.12
C SER A 152 -9.58 -22.53 3.36
N GLU A 153 -8.87 -23.54 3.89
CA GLU A 153 -7.76 -24.15 3.18
C GLU A 153 -8.15 -24.52 1.76
N ASP A 154 -9.43 -24.87 1.54
CA ASP A 154 -9.92 -25.29 0.23
C ASP A 154 -10.41 -24.15 -0.64
N PHE A 155 -10.44 -22.90 -0.13
CA PHE A 155 -10.84 -21.77 -0.97
C PHE A 155 -9.82 -21.54 -2.06
N THR A 156 -10.26 -20.91 -3.13
CA THR A 156 -9.36 -20.55 -4.21
C THR A 156 -9.35 -19.04 -4.40
N VAL A 157 -8.18 -18.53 -4.77
CA VAL A 157 -7.97 -17.13 -5.09
C VAL A 157 -7.50 -17.02 -6.52
N PHE A 158 -8.12 -16.13 -7.27
CA PHE A 158 -7.78 -15.85 -8.65
C PHE A 158 -7.05 -14.51 -8.67
N ILE A 159 -5.76 -14.54 -8.97
CA ILE A 159 -4.89 -13.37 -8.89
C ILE A 159 -4.65 -12.84 -10.30
N LYS A 160 -5.27 -11.71 -10.66
CA LYS A 160 -5.11 -11.10 -11.97
C LYS A 160 -4.03 -10.02 -11.90
N ASN A 161 -2.85 -10.34 -12.43
CA ASN A 161 -1.69 -9.46 -12.39
C ASN A 161 -1.44 -8.91 -13.80
N ASN A 162 -1.48 -7.60 -13.94
CA ASN A 162 -1.20 -6.93 -15.21
C ASN A 162 0.00 -6.03 -15.00
N ILE A 163 1.04 -6.21 -15.82
CA ILE A 163 2.24 -5.38 -15.74
C ILE A 163 2.37 -4.56 -17.02
N HIS A 164 2.89 -3.34 -16.87
CA HIS A 164 3.08 -2.38 -17.95
C HIS A 164 4.53 -1.94 -17.95
N PHE A 165 5.11 -1.82 -19.16
CA PHE A 165 6.38 -1.14 -19.41
C PHE A 165 6.11 0.15 -20.16
N PRO A 166 6.02 1.30 -19.48
CA PRO A 166 5.50 2.50 -20.16
C PRO A 166 6.37 2.99 -21.31
N THR A 167 7.70 2.97 -21.15
CA THR A 167 8.57 3.37 -22.25
C THR A 167 8.31 2.53 -23.49
N PHE A 168 8.33 1.21 -23.32
CA PHE A 168 8.09 0.29 -24.42
C PHE A 168 6.63 0.20 -24.83
N GLN A 169 5.72 0.78 -24.05
CA GLN A 169 4.29 0.72 -24.32
C GLN A 169 3.82 -0.72 -24.54
N TYR A 170 4.25 -1.62 -23.65
CA TYR A 170 3.95 -3.04 -23.76
C TYR A 170 3.30 -3.56 -22.49
N THR A 171 2.27 -4.41 -22.65
CA THR A 171 1.50 -4.90 -21.50
C THR A 171 1.39 -6.40 -21.52
N VAL A 172 1.50 -7.00 -20.34
CA VAL A 172 1.46 -8.44 -20.17
C VAL A 172 0.56 -8.75 -18.99
N GLN A 173 -0.02 -9.95 -18.99
CA GLN A 173 -0.76 -10.47 -17.85
C GLN A 173 -0.29 -11.86 -17.52
N ASN A 174 -0.61 -12.31 -16.31
CA ASN A 174 -0.22 -13.63 -15.84
C ASN A 174 -1.25 -14.70 -16.20
N ILE A 175 -2.11 -14.41 -17.18
CA ILE A 175 -3.21 -15.26 -17.59
C ILE A 175 -2.99 -15.72 -19.03
N SER A 176 -3.15 -17.02 -19.29
CA SER A 176 -3.00 -17.55 -20.65
C SER A 176 -3.99 -16.91 -21.61
N PRO A 177 -3.67 -16.89 -22.91
CA PRO A 177 -4.54 -16.18 -23.88
C PRO A 177 -5.96 -16.67 -23.85
N LYS A 178 -6.17 -17.96 -23.65
CA LYS A 178 -7.48 -18.44 -23.24
C LYS A 178 -7.26 -19.35 -22.05
N LEU A 179 -7.95 -19.05 -20.97
CA LEU A 179 -7.73 -19.66 -19.67
C LEU A 179 -8.97 -20.45 -19.33
N ASN A 180 -8.80 -21.73 -18.99
CA ASN A 180 -9.91 -22.48 -18.43
C ASN A 180 -9.91 -22.35 -16.92
N THR A 181 -11.04 -21.89 -16.39
CA THR A 181 -11.20 -21.73 -14.96
C THR A 181 -10.96 -23.03 -14.21
N SER A 182 -11.22 -24.18 -14.86
CA SER A 182 -11.06 -25.45 -14.15
C SER A 182 -9.59 -25.82 -13.91
N CYS A 183 -8.70 -24.84 -14.01
CA CYS A 183 -7.28 -25.07 -13.80
C CYS A 183 -6.91 -24.71 -12.37
N LYS A 184 -5.86 -25.35 -11.87
CA LYS A 184 -5.30 -25.02 -10.58
C LYS A 184 -3.80 -24.93 -10.73
N PHE A 185 -3.21 -23.92 -10.10
CA PHE A 185 -1.79 -23.63 -10.27
C PHE A 185 -0.88 -24.80 -9.91
N ASN A 186 0.03 -25.12 -10.83
CA ASN A 186 1.15 -26.03 -10.58
C ASN A 186 2.37 -25.42 -11.23
N LYS A 187 3.50 -25.50 -10.52
CA LYS A 187 4.69 -24.74 -10.90
C LYS A 187 5.12 -25.03 -12.35
N VAL A 188 5.15 -26.30 -12.73
CA VAL A 188 5.66 -26.71 -14.04
C VAL A 188 4.52 -27.00 -15.03
N THR A 189 3.47 -27.68 -14.57
CA THR A 189 2.42 -28.17 -15.47
C THR A 189 1.54 -27.02 -15.96
N ALA A 190 1.22 -26.06 -15.10
CA ALA A 190 0.41 -24.90 -15.46
C ALA A 190 0.93 -23.66 -14.75
N PRO A 191 1.94 -22.98 -15.34
CA PRO A 191 2.50 -21.79 -14.70
C PRO A 191 1.62 -20.56 -14.85
N LEU A 192 0.83 -20.50 -15.93
CA LEU A 192 -0.04 -19.36 -16.19
C LEU A 192 -1.47 -19.60 -15.71
N CYS A 193 -1.63 -20.45 -14.71
CA CYS A 193 -2.91 -20.68 -14.09
C CYS A 193 -2.95 -19.94 -12.77
N PRO A 194 -3.45 -18.73 -12.74
CA PRO A 194 -3.39 -17.96 -11.51
C PRO A 194 -4.60 -18.20 -10.60
N ILE A 195 -4.99 -19.46 -10.45
CA ILE A 195 -6.00 -19.85 -9.47
C ILE A 195 -5.27 -20.69 -8.44
N PHE A 196 -5.26 -20.25 -7.19
CA PHE A 196 -4.48 -20.90 -6.15
C PHE A 196 -5.39 -21.40 -5.05
N ARG A 197 -5.18 -22.65 -4.65
CA ARG A 197 -5.80 -23.16 -3.45
C ARG A 197 -4.99 -22.65 -2.27
N LEU A 198 -5.66 -22.03 -1.29
CA LEU A 198 -4.92 -21.41 -0.20
C LEU A 198 -4.03 -22.44 0.51
N GLY A 199 -4.56 -23.65 0.74
CA GLY A 199 -3.75 -24.72 1.30
C GLY A 199 -2.48 -24.97 0.51
N ASP A 200 -2.58 -24.95 -0.82
CA ASP A 200 -1.40 -25.14 -1.67
C ASP A 200 -0.42 -24.00 -1.52
N ILE A 201 -0.92 -22.77 -1.37
CA ILE A 201 -0.02 -21.65 -1.15
C ILE A 201 0.79 -21.87 0.12
N LEU A 202 0.10 -22.12 1.25
CA LEU A 202 0.82 -22.31 2.50
C LEU A 202 1.73 -23.53 2.44
N GLN A 203 1.35 -24.54 1.66
CA GLN A 203 2.25 -25.67 1.44
C GLN A 203 3.51 -25.18 0.77
N GLU A 204 3.37 -24.37 -0.29
CA GLU A 204 4.54 -23.88 -1.00
C GLU A 204 5.42 -23.01 -0.12
N ALA A 205 4.85 -22.41 0.92
CA ALA A 205 5.59 -21.62 1.89
C ALA A 205 6.11 -22.46 3.04
N LYS A 206 6.06 -23.79 2.92
CA LYS A 206 6.53 -24.70 3.97
C LYS A 206 5.75 -24.49 5.26
N GLU A 207 4.43 -24.32 5.16
CA GLU A 207 3.57 -24.01 6.30
C GLU A 207 2.34 -24.91 6.33
N ASN A 208 1.81 -25.13 7.54
CA ASN A 208 0.64 -25.98 7.74
C ASN A 208 -0.59 -25.10 7.92
N PHE A 209 -1.51 -25.18 6.96
CA PHE A 209 -2.71 -24.36 7.02
C PHE A 209 -3.50 -24.61 8.30
N SER A 210 -3.69 -25.88 8.66
CA SER A 210 -4.41 -26.19 9.89
C SER A 210 -3.77 -25.51 11.09
N GLU A 211 -2.43 -25.56 11.17
CA GLU A 211 -1.79 -24.91 12.31
C GLU A 211 -1.94 -23.40 12.24
N MET A 212 -1.60 -22.79 11.09
CA MET A 212 -1.60 -21.34 11.00
C MET A 212 -2.99 -20.75 11.19
N ALA A 213 -4.03 -21.50 10.82
CA ALA A 213 -5.39 -20.98 10.85
C ALA A 213 -5.86 -20.63 12.27
N VAL A 214 -5.18 -21.14 13.30
CA VAL A 214 -5.63 -20.89 14.66
C VAL A 214 -5.39 -19.43 15.04
N LYS A 215 -4.15 -18.95 14.88
CA LYS A 215 -3.76 -17.61 15.30
C LYS A 215 -3.51 -16.65 14.14
N GLY A 216 -3.65 -17.11 12.90
CA GLY A 216 -3.41 -16.26 11.75
C GLY A 216 -1.94 -16.12 11.40
N GLY A 217 -1.67 -15.19 10.49
CA GLY A 217 -0.32 -14.96 10.01
C GLY A 217 -0.32 -14.16 8.73
N ILE A 218 0.87 -14.12 8.09
CA ILE A 218 1.12 -13.29 6.93
C ILE A 218 1.92 -14.09 5.91
N ILE A 219 1.40 -14.18 4.69
CA ILE A 219 2.04 -14.89 3.59
C ILE A 219 2.30 -13.93 2.46
N ALA A 220 3.52 -13.97 1.92
CA ALA A 220 3.88 -13.13 0.79
C ALA A 220 3.83 -13.96 -0.48
N ILE A 221 3.02 -13.54 -1.43
CA ILE A 221 2.97 -14.14 -2.75
C ILE A 221 3.84 -13.28 -3.63
N GLU A 222 5.02 -13.77 -3.99
CA GLU A 222 6.01 -12.97 -4.70
C GLU A 222 5.95 -13.35 -6.18
N ILE A 223 5.67 -12.36 -7.05
CA ILE A 223 5.60 -12.55 -8.49
C ILE A 223 6.79 -11.85 -9.13
N LYS A 224 7.71 -12.62 -9.71
CA LYS A 224 8.92 -12.09 -10.32
C LYS A 224 8.75 -12.09 -11.84
N TRP A 225 9.08 -10.99 -12.48
CA TRP A 225 9.10 -10.91 -13.93
C TRP A 225 10.50 -10.51 -14.40
N ASP A 226 11.11 -11.33 -15.23
CA ASP A 226 12.36 -10.98 -15.89
C ASP A 226 12.12 -11.10 -17.39
N CYS A 227 11.97 -9.97 -18.08
CA CYS A 227 11.37 -9.98 -19.41
C CYS A 227 12.36 -9.51 -20.49
N ASP A 228 12.50 -10.32 -21.54
CA ASP A 228 13.21 -9.92 -22.75
C ASP A 228 12.15 -9.74 -23.82
N LEU A 229 12.01 -8.52 -24.30
CA LEU A 229 10.95 -8.19 -25.24
C LEU A 229 11.40 -8.32 -26.69
N ASP A 230 12.67 -8.66 -26.94
CA ASP A 230 13.16 -8.80 -28.31
C ASP A 230 12.58 -10.04 -28.97
N SER A 231 12.31 -9.92 -30.26
CA SER A 231 11.66 -11.00 -31.00
C SER A 231 12.54 -12.25 -31.09
N TRP A 232 13.86 -12.09 -31.19
CA TRP A 232 14.70 -13.28 -31.33
C TRP A 232 14.79 -14.08 -30.05
N SER A 233 14.73 -13.45 -28.87
CA SER A 233 14.69 -14.22 -27.60
C SER A 233 13.66 -13.58 -26.70
N TYR A 234 12.39 -13.92 -26.91
CA TYR A 234 11.30 -13.31 -26.16
C TYR A 234 10.92 -14.21 -25.01
N TYR A 235 11.09 -13.69 -23.80
CA TYR A 235 10.61 -14.34 -22.60
C TYR A 235 10.00 -13.27 -21.72
N CYS A 236 8.70 -13.39 -21.44
CA CYS A 236 8.08 -12.56 -20.39
C CYS A 236 6.94 -13.38 -19.77
N SER A 237 7.22 -14.02 -18.64
CA SER A 237 6.27 -14.84 -17.93
C SER A 237 6.58 -14.77 -16.45
N PRO A 238 5.58 -14.92 -15.59
CA PRO A 238 5.79 -14.73 -14.16
C PRO A 238 6.41 -15.94 -13.47
N GLU A 239 7.11 -15.65 -12.37
CA GLU A 239 7.69 -16.68 -11.51
C GLU A 239 7.20 -16.45 -10.09
N TYR A 240 6.50 -17.44 -9.52
CA TYR A 240 5.92 -17.33 -8.19
C TYR A 240 6.81 -17.98 -7.13
N SER A 241 6.93 -17.31 -6.00
CA SER A 241 7.50 -17.87 -4.78
C SER A 241 6.61 -17.49 -3.60
N PHE A 242 6.67 -18.30 -2.54
CA PHE A 242 5.74 -18.18 -1.41
C PHE A 242 6.48 -18.28 -0.08
N ARG A 243 6.24 -17.33 0.81
CA ARG A 243 7.03 -17.19 2.02
C ARG A 243 6.18 -16.62 3.14
N ARG A 244 6.38 -17.12 4.34
CA ARG A 244 5.70 -16.58 5.52
C ARG A 244 6.56 -15.46 6.12
N LEU A 245 5.95 -14.31 6.36
CA LEU A 245 6.71 -13.13 6.76
C LEU A 245 6.82 -12.94 8.27
N ASP A 246 5.91 -13.49 9.07
CA ASP A 246 5.98 -13.33 10.52
C ASP A 246 6.64 -14.54 11.19
N ASP A 247 7.48 -14.25 12.17
CA ASP A 247 8.19 -15.30 12.90
C ASP A 247 7.16 -16.18 13.60
N LYS A 248 7.13 -17.49 13.27
CA LYS A 248 6.09 -18.35 13.84
C LYS A 248 6.36 -18.75 15.28
N THR A 249 7.54 -18.45 15.82
CA THR A 249 7.90 -18.89 17.16
C THR A 249 6.93 -18.28 18.18
N ARG A 250 6.72 -19.01 19.28
CA ARG A 250 5.64 -18.68 20.21
C ARG A 250 5.94 -17.37 20.93
N THR A 251 7.20 -17.14 21.30
CA THR A 251 7.56 -16.00 22.13
C THR A 251 7.59 -14.69 21.35
N GLN A 252 7.76 -14.73 20.03
CA GLN A 252 7.98 -13.54 19.23
C GLN A 252 6.69 -12.98 18.62
N TYR A 253 5.54 -13.30 19.21
CA TYR A 253 4.25 -12.71 18.89
C TYR A 253 3.85 -12.93 17.44
N PRO A 254 3.60 -14.16 17.02
CA PRO A 254 3.19 -14.42 15.63
C PRO A 254 1.69 -14.24 15.50
N GLY A 255 1.21 -14.36 14.25
CA GLY A 255 -0.21 -14.34 13.95
C GLY A 255 -0.70 -12.99 13.46
N PHE A 256 -1.98 -12.98 13.07
CA PHE A 256 -2.61 -11.74 12.60
C PHE A 256 -4.11 -11.78 12.85
N SER A 257 -4.69 -10.63 13.20
CA SER A 257 -6.12 -10.54 13.47
C SER A 257 -6.60 -9.12 13.21
N ILE A 258 -7.91 -8.98 13.00
CA ILE A 258 -8.55 -7.66 12.92
C ILE A 258 -9.70 -7.64 13.93
N ARG A 259 -9.91 -6.50 14.55
CA ARG A 259 -11.09 -6.33 15.40
C ARG A 259 -12.11 -5.49 14.65
N PHE A 260 -13.37 -5.91 14.69
CA PHE A 260 -14.42 -5.06 14.16
C PHE A 260 -15.69 -5.34 14.94
N ALA A 261 -16.70 -4.50 14.73
CA ALA A 261 -17.95 -4.63 15.46
C ALA A 261 -19.11 -4.36 14.52
N ARG A 262 -20.25 -4.95 14.85
CA ARG A 262 -21.50 -4.68 14.13
C ARG A 262 -22.44 -4.00 15.12
N HIS A 263 -22.82 -2.78 14.80
CA HIS A 263 -23.61 -1.98 15.72
C HIS A 263 -25.10 -2.10 15.41
N TYR A 264 -25.87 -2.20 16.47
CA TYR A 264 -27.32 -2.21 16.40
C TYR A 264 -27.82 -1.26 17.45
N LYS A 265 -29.09 -0.90 17.33
CA LYS A 265 -29.76 -0.10 18.34
C LYS A 265 -30.98 -0.86 18.85
N LEU A 266 -31.12 -0.94 20.17
CA LEU A 266 -32.34 -1.52 20.70
C LEU A 266 -33.45 -0.45 20.74
N PRO A 267 -34.73 -0.87 20.88
CA PRO A 267 -35.84 0.08 20.75
C PRO A 267 -35.75 1.35 21.56
N ASP A 268 -35.27 1.30 22.82
CA ASP A 268 -35.13 2.52 23.61
C ASP A 268 -34.14 3.50 22.97
N GLY A 269 -33.32 3.02 22.04
CA GLY A 269 -32.35 3.82 21.33
C GLY A 269 -30.92 3.60 21.75
N THR A 270 -30.70 3.00 22.92
CA THR A 270 -29.35 2.75 23.38
C THR A 270 -28.66 1.75 22.46
N GLU A 271 -27.35 1.87 22.38
CA GLU A 271 -26.54 1.09 21.47
C GLU A 271 -26.21 -0.27 22.05
N GLN A 272 -26.15 -1.27 21.18
CA GLN A 272 -25.59 -2.57 21.53
C GLN A 272 -24.79 -3.05 20.34
N ARG A 273 -23.68 -3.74 20.59
CA ARG A 273 -22.82 -4.10 19.46
C ARG A 273 -22.38 -5.56 19.61
N THR A 274 -21.89 -6.10 18.50
CA THR A 274 -21.35 -7.46 18.44
C THR A 274 -19.90 -7.38 18.01
N LEU A 275 -19.01 -7.79 18.89
CA LEU A 275 -17.58 -7.59 18.73
C LEU A 275 -16.94 -8.85 18.17
N PHE A 276 -16.20 -8.68 17.08
CA PHE A 276 -15.48 -9.76 16.43
C PHE A 276 -13.98 -9.53 16.58
N LYS A 277 -13.28 -10.58 16.98
CA LYS A 277 -11.84 -10.68 16.79
C LYS A 277 -11.62 -11.78 15.76
N ALA A 278 -11.15 -11.40 14.58
CA ALA A 278 -11.05 -12.30 13.44
C ALA A 278 -9.58 -12.57 13.19
N TYR A 279 -9.13 -13.76 13.57
CA TYR A 279 -7.81 -14.23 13.18
C TYR A 279 -7.85 -14.66 11.72
N GLY A 280 -6.73 -14.43 11.04
CA GLY A 280 -6.71 -14.77 9.63
C GLY A 280 -5.35 -14.55 9.03
N ILE A 281 -5.26 -14.92 7.75
CA ILE A 281 -4.04 -14.80 6.97
C ILE A 281 -4.16 -13.57 6.07
N ARG A 282 -3.22 -12.65 6.20
CA ARG A 282 -3.12 -11.52 5.30
C ARG A 282 -2.13 -11.89 4.20
N PHE A 283 -2.62 -12.01 2.97
CA PHE A 283 -1.77 -12.33 1.84
C PHE A 283 -1.29 -11.03 1.20
N ASP A 284 0.02 -10.88 1.10
CA ASP A 284 0.65 -9.70 0.53
C ASP A 284 1.23 -10.05 -0.83
N VAL A 285 0.69 -9.43 -1.89
CA VAL A 285 1.09 -9.72 -3.25
C VAL A 285 2.21 -8.77 -3.65
N LEU A 286 3.42 -9.30 -3.72
CA LEU A 286 4.59 -8.49 -4.03
C LEU A 286 5.03 -8.79 -5.47
N VAL A 287 4.90 -7.80 -6.35
CA VAL A 287 5.24 -7.97 -7.76
C VAL A 287 6.48 -7.14 -8.05
N PHE A 288 7.58 -7.83 -8.28
CA PHE A 288 8.84 -7.21 -8.64
C PHE A 288 9.17 -7.59 -10.08
N GLY A 289 9.91 -6.72 -10.76
CA GLY A 289 10.32 -7.11 -12.09
C GLY A 289 10.97 -6.09 -12.99
N MET A 290 11.66 -6.59 -14.00
CA MET A 290 12.41 -5.78 -14.95
C MET A 290 12.15 -6.31 -16.35
N GLY A 291 12.20 -5.43 -17.34
CA GLY A 291 12.10 -5.85 -18.72
C GLY A 291 13.01 -5.02 -19.58
N GLY A 292 13.46 -5.62 -20.68
CA GLY A 292 14.44 -4.99 -21.52
C GLY A 292 14.13 -5.18 -22.99
N GLN A 293 14.57 -4.20 -23.78
CA GLN A 293 14.25 -4.19 -25.19
C GLN A 293 15.40 -3.54 -25.94
N PHE A 294 15.76 -4.12 -27.08
CA PHE A 294 16.84 -3.59 -27.89
C PHE A 294 16.62 -2.11 -28.18
N LYS A 295 17.68 -1.32 -28.08
CA LYS A 295 17.65 0.07 -28.53
C LYS A 295 18.98 0.44 -29.18
N LEU A 296 18.91 1.20 -30.27
CA LEU A 296 20.13 1.57 -31.00
C LEU A 296 21.01 2.52 -30.19
N ILE A 297 20.40 3.50 -29.52
CA ILE A 297 21.18 4.46 -28.74
C ILE A 297 22.02 3.74 -27.69
N GLU A 298 21.47 2.68 -27.09
CA GLU A 298 22.22 1.91 -26.10
C GLU A 298 23.38 1.15 -26.71
N LEU A 299 23.13 0.45 -27.83
CA LEU A 299 24.21 -0.28 -28.49
C LEU A 299 25.34 0.66 -28.90
N PHE A 300 24.98 1.83 -29.46
CA PHE A 300 26.00 2.81 -29.82
C PHE A 300 26.74 3.30 -28.60
N THR A 301 26.04 3.60 -27.51
CA THR A 301 26.72 4.04 -26.29
C THR A 301 27.68 2.97 -25.79
N PHE A 302 27.30 1.69 -25.90
CA PHE A 302 28.18 0.63 -25.42
C PHE A 302 29.42 0.50 -26.29
N ILE A 303 29.22 0.46 -27.61
CA ILE A 303 30.35 0.38 -28.53
C ILE A 303 31.29 1.57 -28.33
N GLY A 304 30.73 2.78 -28.31
CA GLY A 304 31.55 3.96 -28.10
C GLY A 304 32.29 3.92 -26.77
N SER A 305 31.60 3.49 -25.71
CA SER A 305 32.23 3.40 -24.40
C SER A 305 33.38 2.40 -24.41
N THR A 306 33.16 1.19 -24.92
CA THR A 306 34.20 0.17 -24.87
C THR A 306 35.36 0.48 -25.83
N ILE A 307 35.05 1.08 -26.99
CA ILE A 307 36.10 1.56 -27.89
C ILE A 307 36.95 2.62 -27.20
N ALA A 308 36.31 3.55 -26.49
CA ALA A 308 37.07 4.56 -25.76
C ALA A 308 37.95 3.92 -24.70
N TYR A 309 37.33 3.28 -23.71
CA TYR A 309 38.08 2.77 -22.56
C TYR A 309 39.12 1.74 -22.99
N PHE A 310 38.67 0.65 -23.63
CA PHE A 310 39.61 -0.40 -23.99
C PHE A 310 40.49 -0.03 -25.18
N GLY A 311 40.15 1.03 -25.92
CA GLY A 311 41.10 1.60 -26.86
C GLY A 311 42.27 2.26 -26.15
N LEU A 312 41.98 3.01 -25.08
CA LEU A 312 43.06 3.51 -24.24
C LEU A 312 43.86 2.37 -23.63
N ALA A 313 43.19 1.31 -23.16
CA ALA A 313 43.92 0.19 -22.61
C ALA A 313 44.82 -0.45 -23.67
N VAL A 314 44.31 -0.59 -24.89
CA VAL A 314 45.10 -1.13 -25.98
C VAL A 314 46.31 -0.26 -26.26
N THR A 315 46.13 1.07 -26.27
CA THR A 315 47.27 1.94 -26.49
C THR A 315 48.29 1.81 -25.35
N ILE A 316 47.81 1.60 -24.11
CA ILE A 316 48.74 1.38 -23.00
C ILE A 316 49.56 0.14 -23.25
N ILE A 317 48.92 -0.96 -23.64
CA ILE A 317 49.67 -2.20 -23.82
C ILE A 317 50.62 -2.11 -25.01
N GLU A 318 50.12 -1.62 -26.15
CA GLU A 318 50.96 -1.50 -27.36
C GLU A 318 52.09 -0.51 -27.15
N MET A 319 51.76 0.75 -26.90
CA MET A 319 52.77 1.78 -26.70
C MET A 319 53.69 1.49 -25.54
N CYS A 320 53.11 1.19 -24.41
CA CYS A 320 53.90 1.04 -23.20
C CYS A 320 54.74 -0.22 -23.20
N PHE A 321 54.15 -1.36 -23.53
CA PHE A 321 54.95 -2.58 -23.60
C PHE A 321 55.89 -2.60 -24.81
N HIS A 322 55.60 -1.79 -25.83
CA HIS A 322 56.55 -1.52 -26.91
C HIS A 322 57.78 -0.79 -26.38
N LEU A 323 57.57 0.19 -25.50
CA LEU A 323 58.68 0.98 -24.96
C LEU A 323 59.72 0.09 -24.31
N TYR A 324 59.31 -1.03 -23.75
CA TYR A 324 60.18 -2.00 -23.12
C TYR A 324 60.41 -3.13 -24.12
N ASN A 325 61.52 -3.86 -23.94
CA ASN A 325 61.84 -5.04 -24.75
C ASN A 325 62.42 -4.64 -26.11
N SER B 6 61.31 10.94 -6.65
CA SER B 6 60.62 9.66 -6.72
C SER B 6 59.76 9.42 -5.48
N CYS B 7 59.83 10.33 -4.50
CA CYS B 7 58.90 10.24 -3.37
C CYS B 7 57.47 10.48 -3.82
N VAL B 8 57.26 11.41 -4.76
CA VAL B 8 55.92 11.70 -5.25
C VAL B 8 55.29 10.46 -5.87
N LYS B 9 56.11 9.65 -6.51
CA LYS B 9 55.64 8.42 -7.14
C LYS B 9 55.07 7.44 -6.10
N TRP B 10 55.84 7.11 -5.07
CA TRP B 10 55.32 6.20 -4.06
C TRP B 10 54.26 6.86 -3.17
N PHE B 11 54.21 8.19 -3.15
CA PHE B 11 53.06 8.86 -2.56
C PHE B 11 51.79 8.57 -3.35
N ILE B 12 51.88 8.63 -4.68
CA ILE B 12 50.72 8.29 -5.51
C ILE B 12 50.36 6.82 -5.33
N TYR B 13 51.37 5.94 -5.31
CA TYR B 13 51.09 4.52 -5.09
C TYR B 13 50.44 4.30 -3.73
N GLY B 14 50.93 4.96 -2.70
CA GLY B 14 50.32 4.86 -1.39
C GLY B 14 48.88 5.35 -1.38
N VAL B 15 48.62 6.46 -2.08
CA VAL B 15 47.26 6.97 -2.22
C VAL B 15 46.36 5.94 -2.88
N ILE B 16 46.82 5.34 -3.99
CA ILE B 16 46.01 4.34 -4.69
C ILE B 16 45.73 3.13 -3.80
N ALA B 17 46.77 2.61 -3.15
CA ALA B 17 46.58 1.46 -2.26
C ALA B 17 45.62 1.79 -1.13
N VAL B 18 45.86 2.94 -0.47
CA VAL B 18 45.01 3.38 0.63
C VAL B 18 43.56 3.52 0.17
N TYR B 19 43.35 4.03 -1.04
CA TYR B 19 41.99 4.18 -1.57
C TYR B 19 41.35 2.82 -1.84
N ILE B 20 42.11 1.86 -2.39
CA ILE B 20 41.57 0.53 -2.61
C ILE B 20 41.16 -0.13 -1.29
N CYS B 21 42.00 0.00 -0.26
CA CYS B 21 41.61 -0.58 1.03
C CYS B 21 40.42 0.13 1.64
N TYR B 22 40.37 1.47 1.55
CA TYR B 22 39.20 2.20 2.01
C TYR B 22 37.94 1.71 1.31
N THR B 23 37.97 1.63 -0.02
CA THR B 23 36.80 1.15 -0.75
C THR B 23 36.42 -0.26 -0.31
N LEU B 24 37.40 -1.15 -0.24
CA LEU B 24 37.12 -2.53 0.16
C LEU B 24 36.44 -2.58 1.52
N ILE B 25 37.05 -1.95 2.53
CA ILE B 25 36.59 -2.11 3.91
C ILE B 25 35.37 -1.24 4.21
N VAL B 26 35.45 0.05 3.94
CA VAL B 26 34.39 0.97 4.31
C VAL B 26 33.12 0.68 3.51
N HIS B 27 33.25 0.50 2.19
CA HIS B 27 32.10 0.24 1.35
C HIS B 27 31.74 -1.24 1.27
N LYS B 28 32.51 -2.11 1.93
CA LYS B 28 32.23 -3.54 1.99
C LYS B 28 31.95 -4.12 0.62
N ARG B 29 32.89 -3.88 -0.29
CA ARG B 29 32.78 -4.37 -1.66
C ARG B 29 32.95 -5.87 -1.75
N TYR B 30 33.33 -6.51 -0.65
CA TYR B 30 33.47 -7.96 -0.60
C TYR B 30 32.16 -8.70 -0.36
N GLN B 31 31.08 -8.00 -0.03
CA GLN B 31 29.81 -8.63 0.30
C GLN B 31 28.77 -8.34 -0.78
N GLU B 32 27.86 -9.29 -0.96
CA GLU B 32 26.65 -9.08 -1.76
C GLU B 32 25.62 -8.31 -0.96
N LYS B 33 24.90 -7.41 -1.65
CA LYS B 33 23.87 -6.58 -1.06
C LYS B 33 22.50 -7.00 -1.58
N GLU B 34 21.48 -6.84 -0.73
CA GLU B 34 20.12 -7.19 -1.09
C GLU B 34 19.19 -6.22 -0.38
N GLU B 35 18.12 -5.81 -1.06
CA GLU B 35 17.12 -4.95 -0.46
C GLU B 35 16.17 -5.79 0.40
N LEU B 36 15.82 -5.26 1.58
CA LEU B 36 15.02 -6.06 2.49
C LEU B 36 13.58 -6.19 1.97
N THR B 37 12.90 -7.23 2.44
CA THR B 37 11.47 -7.44 2.25
C THR B 37 10.78 -7.32 3.60
N SER B 38 9.83 -6.41 3.70
CA SER B 38 9.32 -6.00 5.01
C SER B 38 7.92 -6.53 5.24
N SER B 39 7.59 -6.65 6.52
CA SER B 39 6.26 -7.02 6.96
C SER B 39 5.95 -6.21 8.21
N VAL B 40 4.86 -5.45 8.19
CA VAL B 40 4.48 -4.64 9.34
C VAL B 40 3.11 -5.07 9.81
N ARG B 41 2.97 -5.27 11.12
CA ARG B 41 1.69 -5.43 11.78
C ARG B 41 1.60 -4.46 12.94
N VAL B 42 0.42 -3.94 13.22
CA VAL B 42 0.29 -3.03 14.34
C VAL B 42 -0.86 -3.48 15.21
N THR B 43 -0.75 -3.24 16.52
CA THR B 43 -1.89 -3.45 17.40
C THR B 43 -1.99 -2.25 18.34
N LEU B 44 -3.20 -1.66 18.42
CA LEU B 44 -3.44 -0.48 19.22
C LEU B 44 -4.01 -0.84 20.60
N LYS B 45 -3.61 -0.08 21.62
CA LYS B 45 -4.14 -0.24 22.96
C LYS B 45 -4.51 1.14 23.50
N GLY B 46 -5.71 1.25 24.04
CA GLY B 46 -6.17 2.44 24.71
C GLY B 46 -7.68 2.56 24.61
N VAL B 47 -8.26 3.32 25.53
CA VAL B 47 -9.70 3.57 25.55
C VAL B 47 -9.95 5.01 25.98
N ALA B 48 -10.87 5.66 25.27
CA ALA B 48 -11.32 7.00 25.61
C ALA B 48 -12.80 6.93 25.95
N HIS B 49 -13.17 7.50 27.09
CA HIS B 49 -14.56 7.54 27.51
C HIS B 49 -14.98 9.01 27.52
N VAL B 50 -15.61 9.43 26.44
CA VAL B 50 -16.19 10.77 26.37
C VAL B 50 -17.53 10.71 25.65
N ASP B 51 -18.62 10.68 26.43
CA ASP B 51 -19.97 10.66 25.88
C ASP B 51 -20.24 9.34 25.15
N ARG B 52 -19.21 8.49 25.08
CA ARG B 52 -19.23 7.16 24.49
C ARG B 52 -17.92 6.48 24.86
N ILE B 53 -17.92 5.14 24.80
CA ILE B 53 -16.72 4.36 25.12
C ILE B 53 -16.03 3.99 23.84
N TRP B 54 -14.91 4.66 23.56
CA TRP B 54 -14.14 4.43 22.33
C TRP B 54 -12.99 3.50 22.65
N ASP B 55 -13.19 2.20 22.43
CA ASP B 55 -12.07 1.27 22.47
C ASP B 55 -11.61 1.08 21.03
N ALA B 56 -10.66 0.18 20.80
CA ALA B 56 -10.06 0.09 19.47
C ALA B 56 -11.11 -0.21 18.40
N ALA B 57 -12.12 -0.99 18.74
CA ALA B 57 -13.17 -1.30 17.77
C ALA B 57 -13.95 -0.06 17.34
N GLU B 58 -13.90 1.00 18.13
CA GLU B 58 -14.62 2.22 17.80
C GLU B 58 -13.76 3.25 17.08
N TYR B 59 -12.50 3.42 17.48
CA TYR B 59 -11.64 4.46 16.92
C TYR B 59 -10.68 3.94 15.85
N THR B 60 -10.92 2.72 15.35
CA THR B 60 -10.18 2.16 14.23
C THR B 60 -11.16 1.66 13.19
N ILE B 61 -10.66 1.46 11.97
CA ILE B 61 -11.42 0.77 10.94
C ILE B 61 -10.65 -0.49 10.57
N PRO B 62 -11.31 -1.57 10.21
CA PRO B 62 -10.62 -2.84 9.93
C PRO B 62 -9.50 -2.68 8.91
N THR B 63 -8.32 -3.12 9.33
CA THR B 63 -7.05 -2.83 8.66
C THR B 63 -6.66 -3.99 7.76
N GLN B 64 -6.80 -3.80 6.45
CA GLN B 64 -6.19 -4.75 5.53
C GLN B 64 -4.89 -4.26 4.93
N THR B 65 -4.53 -2.99 5.13
CA THR B 65 -3.32 -2.41 4.55
C THR B 65 -2.08 -2.87 5.25
N ARG B 66 -0.99 -2.96 4.49
CA ARG B 66 0.23 -3.51 5.05
C ARG B 66 1.22 -2.46 5.51
N ASP B 67 1.03 -1.19 5.14
CA ASP B 67 2.01 -0.15 5.47
C ASP B 67 1.44 1.03 6.24
N SER B 68 0.16 1.03 6.63
CA SER B 68 -0.37 2.21 7.31
C SER B 68 -1.51 1.82 8.23
N PHE B 69 -1.80 2.72 9.18
CA PHE B 69 -2.94 2.54 10.08
C PHE B 69 -3.42 3.91 10.54
N PHE B 70 -4.70 3.97 10.91
CA PHE B 70 -5.42 5.22 11.15
C PHE B 70 -6.06 5.21 12.54
N VAL B 71 -5.85 6.29 13.28
CA VAL B 71 -6.43 6.47 14.60
C VAL B 71 -7.32 7.69 14.56
N MET B 72 -8.55 7.56 15.08
CA MET B 72 -9.49 8.68 15.11
C MET B 72 -9.16 9.61 16.28
N THR B 73 -9.07 10.90 16.00
CA THR B 73 -8.83 11.89 17.07
C THR B 73 -9.99 12.84 17.29
N ASN B 74 -10.77 13.17 16.26
CA ASN B 74 -11.89 14.06 16.47
C ASN B 74 -13.07 13.55 15.66
N ILE B 75 -14.27 13.84 16.13
CA ILE B 75 -15.45 13.17 15.61
C ILE B 75 -16.58 14.18 15.44
N ILE B 76 -17.27 14.09 14.31
CA ILE B 76 -18.55 14.74 14.10
C ILE B 76 -19.53 13.62 13.78
N ARG B 77 -20.52 13.43 14.63
CA ARG B 77 -21.48 12.34 14.44
C ARG B 77 -22.87 12.93 14.29
N THR B 78 -23.62 12.43 13.31
CA THR B 78 -25.00 12.86 13.06
C THR B 78 -25.88 11.63 12.98
N GLU B 79 -26.78 11.44 13.94
CA GLU B 79 -27.44 10.15 14.02
C GLU B 79 -28.90 10.22 13.61
N ASN B 80 -29.43 9.06 13.25
CA ASN B 80 -30.84 8.87 12.90
C ASN B 80 -31.24 9.70 11.68
N GLN B 81 -30.34 9.84 10.72
CA GLN B 81 -30.71 10.56 9.51
C GLN B 81 -31.42 9.63 8.53
N ILE B 82 -32.51 10.14 7.95
CA ILE B 82 -33.45 9.41 7.10
C ILE B 82 -33.53 10.13 5.76
N GLN B 83 -33.76 9.38 4.69
CA GLN B 83 -33.93 10.01 3.39
C GLN B 83 -35.27 10.72 3.35
N LYS B 84 -35.24 12.03 3.18
CA LYS B 84 -36.46 12.85 3.16
C LYS B 84 -36.07 14.22 2.65
N THR B 85 -36.95 15.21 2.82
CA THR B 85 -36.60 16.59 2.54
C THR B 85 -36.19 17.33 3.81
N CYS B 86 -35.24 18.26 3.66
CA CYS B 86 -34.75 19.06 4.78
C CYS B 86 -34.00 20.25 4.21
N PRO B 87 -33.67 21.23 5.06
CA PRO B 87 -32.84 22.35 4.60
C PRO B 87 -31.41 21.90 4.34
N GLU B 88 -30.84 22.46 3.28
CA GLU B 88 -29.41 22.31 3.01
C GLU B 88 -28.61 22.88 4.17
N TYR B 89 -27.35 22.49 4.24
CA TYR B 89 -26.49 23.14 5.21
C TYR B 89 -26.15 24.55 4.73
N PRO B 90 -26.08 25.56 5.64
CA PRO B 90 -25.86 26.93 5.17
C PRO B 90 -24.47 27.12 4.60
N THR B 91 -24.41 27.11 3.27
CA THR B 91 -23.28 27.36 2.41
C THR B 91 -23.53 28.60 1.55
N ALA B 92 -22.44 29.28 1.19
CA ALA B 92 -22.57 30.55 0.50
C ALA B 92 -23.57 30.45 -0.62
N LYS B 93 -23.51 29.38 -1.40
CA LYS B 93 -24.44 29.17 -2.49
C LYS B 93 -25.75 28.55 -2.03
N ALA B 94 -25.86 28.12 -0.77
CA ALA B 94 -27.09 27.49 -0.30
C ALA B 94 -28.02 28.41 0.48
N ILE B 95 -27.54 29.57 0.94
CA ILE B 95 -28.40 30.48 1.69
C ILE B 95 -29.26 31.25 0.69
N CYS B 96 -30.51 31.47 1.08
CA CYS B 96 -31.48 32.09 0.21
C CYS B 96 -32.37 33.00 1.04
N SER B 97 -32.91 34.02 0.38
CA SER B 97 -33.97 34.85 0.93
C SER B 97 -35.36 34.47 0.44
N SER B 98 -35.47 34.00 -0.81
CA SER B 98 -36.74 33.61 -1.42
C SER B 98 -36.51 32.39 -2.30
N ASP B 99 -37.62 31.73 -2.66
CA ASP B 99 -37.56 30.48 -3.44
C ASP B 99 -36.91 30.66 -4.79
N LYS B 100 -36.80 31.90 -5.28
CA LYS B 100 -36.18 32.14 -6.57
C LYS B 100 -34.68 31.86 -6.55
N SER B 101 -34.06 31.91 -5.37
CA SER B 101 -32.64 31.60 -5.26
C SER B 101 -32.36 30.11 -5.45
N CYS B 102 -33.34 29.26 -5.12
CA CYS B 102 -33.16 27.82 -5.11
C CYS B 102 -33.59 27.21 -6.43
N ALA B 103 -32.62 26.76 -7.21
CA ALA B 103 -32.83 26.03 -8.46
C ALA B 103 -33.21 24.59 -8.15
N LYS B 104 -33.87 23.96 -9.12
CA LYS B 104 -34.30 22.56 -8.98
C LYS B 104 -33.21 21.60 -9.41
N GLY B 105 -33.12 20.48 -8.71
CA GLY B 105 -32.11 19.46 -8.95
C GLY B 105 -30.77 19.77 -8.30
N ILE B 106 -29.80 18.91 -8.60
CA ILE B 106 -28.47 19.05 -8.01
C ILE B 106 -27.75 20.09 -8.82
N VAL B 107 -27.27 21.14 -8.18
CA VAL B 107 -26.71 22.27 -8.88
C VAL B 107 -25.18 22.20 -8.95
N ASP B 108 -24.51 22.17 -7.80
CA ASP B 108 -23.07 22.02 -7.76
C ASP B 108 -22.68 20.79 -6.97
N VAL B 109 -21.40 20.43 -7.11
CA VAL B 109 -20.80 19.27 -6.47
C VAL B 109 -20.84 19.36 -4.94
N HIS B 110 -20.95 20.58 -4.40
CA HIS B 110 -20.92 20.84 -2.96
C HIS B 110 -22.24 20.56 -2.25
N SER B 111 -23.29 20.20 -2.98
CA SER B 111 -24.60 19.97 -2.37
C SER B 111 -24.72 18.54 -1.86
N ASN B 112 -25.56 18.37 -0.84
CA ASN B 112 -25.78 17.07 -0.22
C ASN B 112 -27.02 16.35 -0.74
N GLY B 113 -27.68 16.89 -1.76
CA GLY B 113 -28.91 16.29 -2.23
C GLY B 113 -29.50 17.13 -3.34
N VAL B 114 -30.49 16.55 -3.99
CA VAL B 114 -31.20 17.22 -5.07
C VAL B 114 -32.15 18.26 -4.47
N GLN B 115 -32.08 19.49 -4.98
CA GLN B 115 -32.86 20.60 -4.43
C GLN B 115 -34.29 20.60 -4.97
N THR B 116 -35.26 20.74 -4.06
CA THR B 116 -36.66 20.82 -4.46
C THR B 116 -37.02 22.19 -5.01
N GLY B 117 -36.17 23.20 -4.75
CA GLY B 117 -36.44 24.54 -5.19
C GLY B 117 -37.12 25.41 -4.15
N LYS B 118 -37.48 24.85 -3.00
CA LYS B 118 -38.11 25.63 -1.95
C LYS B 118 -37.02 26.21 -1.07
N CYS B 119 -37.28 27.40 -0.53
CA CYS B 119 -36.36 28.04 0.40
C CYS B 119 -36.99 27.92 1.78
N VAL B 120 -36.33 27.19 2.67
CA VAL B 120 -36.92 26.76 3.93
C VAL B 120 -36.00 27.18 5.07
N HIS B 121 -36.57 27.31 6.26
CA HIS B 121 -35.77 27.77 7.39
C HIS B 121 -34.76 26.71 7.79
N TYR B 122 -33.52 27.15 8.03
CA TYR B 122 -32.53 26.26 8.61
C TYR B 122 -32.47 26.41 10.13
N ASN B 123 -32.19 27.62 10.63
CA ASN B 123 -32.40 27.93 12.04
C ASN B 123 -33.44 29.05 12.18
N ILE B 124 -33.59 29.57 13.42
CA ILE B 124 -34.40 30.77 13.65
C ILE B 124 -34.04 31.90 12.70
N THR B 125 -32.74 32.12 12.49
CA THR B 125 -32.26 33.32 11.84
C THR B 125 -32.22 33.22 10.32
N HIS B 126 -31.73 32.09 9.79
CA HIS B 126 -31.41 31.98 8.36
C HIS B 126 -32.22 30.91 7.65
N LYS B 127 -32.43 31.16 6.35
CA LYS B 127 -33.06 30.21 5.44
C LYS B 127 -32.04 29.66 4.44
N THR B 128 -32.38 28.51 3.86
CA THR B 128 -31.47 27.78 2.99
C THR B 128 -32.30 26.85 2.10
N CYS B 129 -31.71 26.41 0.99
CA CYS B 129 -32.44 25.63 -0.01
C CYS B 129 -32.85 24.26 0.50
N GLU B 130 -34.11 23.90 0.27
CA GLU B 130 -34.57 22.56 0.61
C GLU B 130 -34.02 21.54 -0.38
N ILE B 131 -33.69 20.36 0.15
CA ILE B 131 -33.10 19.26 -0.61
C ILE B 131 -33.72 17.94 -0.18
N LYS B 132 -33.71 16.99 -1.11
CA LYS B 132 -33.93 15.58 -0.82
C LYS B 132 -32.57 15.00 -0.48
N ALA B 133 -32.41 14.48 0.75
CA ALA B 133 -31.10 14.02 1.18
C ALA B 133 -31.25 13.12 2.40
N TRP B 134 -30.12 12.74 2.98
CA TRP B 134 -30.09 12.06 4.28
C TRP B 134 -30.18 13.14 5.34
N CYS B 135 -31.33 13.25 5.97
CA CYS B 135 -31.76 14.34 6.83
C CYS B 135 -31.81 13.94 8.30
N PRO B 136 -31.29 14.79 9.21
CA PRO B 136 -30.76 16.14 8.97
C PRO B 136 -29.36 16.13 8.38
N VAL B 137 -29.03 17.10 7.52
CA VAL B 137 -27.70 17.11 6.91
C VAL B 137 -26.64 17.40 7.97
N GLN B 138 -25.44 16.84 7.77
CA GLN B 138 -24.38 16.94 8.77
C GLN B 138 -23.80 18.35 8.82
N GLY B 139 -23.94 18.98 9.99
CA GLY B 139 -23.72 20.40 10.04
C GLY B 139 -22.83 21.07 11.08
N GLU B 140 -21.92 20.36 11.73
CA GLU B 140 -20.97 21.12 12.55
C GLU B 140 -20.00 21.86 11.65
N GLU B 141 -19.32 21.13 10.77
CA GLU B 141 -18.40 21.64 9.75
C GLU B 141 -17.18 22.30 10.36
N ARG B 142 -17.24 22.57 11.67
CA ARG B 142 -16.14 23.12 12.46
C ARG B 142 -15.88 22.08 13.53
N PRO B 143 -14.76 21.37 13.50
CA PRO B 143 -14.58 20.25 14.42
C PRO B 143 -14.48 20.74 15.84
N PRO B 144 -14.86 19.92 16.82
CA PRO B 144 -14.92 20.36 18.22
C PRO B 144 -13.67 21.07 18.71
N VAL B 145 -13.89 22.14 19.51
CA VAL B 145 -12.83 23.11 19.81
C VAL B 145 -11.66 22.45 20.53
N PRO B 146 -11.87 21.65 21.58
CA PRO B 146 -10.90 20.57 21.88
C PRO B 146 -11.34 19.29 21.21
N ALA B 147 -10.35 18.54 20.71
CA ALA B 147 -10.64 17.29 19.99
C ALA B 147 -11.36 16.30 20.90
N VAL B 148 -12.35 15.61 20.34
CA VAL B 148 -13.17 14.69 21.13
C VAL B 148 -12.32 13.55 21.67
N LEU B 149 -11.48 12.97 20.82
CA LEU B 149 -10.62 11.86 21.22
C LEU B 149 -9.18 12.31 21.49
N ARG B 150 -9.00 13.52 22.01
CA ARG B 150 -7.68 13.97 22.44
C ARG B 150 -7.00 12.95 23.36
N SER B 151 -7.79 12.21 24.14
CA SER B 151 -7.23 11.17 25.01
C SER B 151 -6.38 10.17 24.25
N SER B 152 -6.59 10.06 22.94
CA SER B 152 -5.82 9.13 22.13
C SER B 152 -4.32 9.38 22.23
N GLU B 153 -3.92 10.59 22.67
CA GLU B 153 -2.51 10.86 22.91
C GLU B 153 -1.87 9.79 23.79
N ASP B 154 -2.63 9.24 24.72
CA ASP B 154 -2.08 8.24 25.62
C ASP B 154 -2.19 6.83 25.07
N PHE B 155 -2.80 6.61 23.90
CA PHE B 155 -2.85 5.25 23.36
C PHE B 155 -1.43 4.79 23.02
N THR B 156 -1.22 3.48 23.04
CA THR B 156 0.05 2.94 22.62
C THR B 156 -0.14 2.05 21.40
N VAL B 157 0.88 2.04 20.53
CA VAL B 157 0.89 1.22 19.33
C VAL B 157 2.09 0.26 19.40
N PHE B 158 1.83 -1.00 19.10
CA PHE B 158 2.85 -2.05 19.07
C PHE B 158 3.09 -2.38 17.61
N ILE B 159 4.29 -2.04 17.13
CA ILE B 159 4.67 -2.14 15.71
C ILE B 159 5.58 -3.36 15.54
N LYS B 160 5.06 -4.44 14.95
CA LYS B 160 5.80 -5.68 14.73
C LYS B 160 6.34 -5.65 13.32
N ASN B 161 7.64 -5.39 13.20
CA ASN B 161 8.30 -5.28 11.91
C ASN B 161 9.20 -6.49 11.75
N ASN B 162 8.98 -7.26 10.68
CA ASN B 162 9.79 -8.43 10.36
C ASN B 162 10.43 -8.19 9.01
N ILE B 163 11.75 -8.33 8.97
CA ILE B 163 12.59 -8.05 7.81
C ILE B 163 13.16 -9.37 7.29
N HIS B 164 13.18 -9.52 5.96
CA HIS B 164 13.68 -10.73 5.32
C HIS B 164 14.68 -10.36 4.25
N PHE B 165 15.81 -11.07 4.23
CA PHE B 165 16.75 -11.08 3.12
C PHE B 165 16.63 -12.46 2.50
N PRO B 166 15.82 -12.61 1.45
CA PRO B 166 15.51 -13.97 0.96
C PRO B 166 16.71 -14.67 0.34
N THR B 167 17.54 -13.95 -0.42
CA THR B 167 18.76 -14.57 -0.95
C THR B 167 19.63 -15.12 0.16
N PHE B 168 19.90 -14.32 1.18
CA PHE B 168 20.68 -14.80 2.32
C PHE B 168 19.88 -15.72 3.23
N GLN B 169 18.58 -15.87 2.99
CA GLN B 169 17.72 -16.71 3.85
C GLN B 169 17.80 -16.27 5.31
N TYR B 170 17.72 -14.96 5.53
CA TYR B 170 17.90 -14.44 6.87
C TYR B 170 16.71 -13.57 7.25
N THR B 171 16.27 -13.69 8.51
CA THR B 171 15.12 -12.93 8.99
C THR B 171 15.44 -12.34 10.35
N VAL B 172 14.98 -11.11 10.55
CA VAL B 172 15.17 -10.37 11.79
C VAL B 172 13.82 -9.72 12.10
N GLN B 173 13.60 -9.40 13.36
CA GLN B 173 12.46 -8.56 13.73
C GLN B 173 12.93 -7.51 14.71
N ASN B 174 12.11 -6.49 14.89
CA ASN B 174 12.44 -5.37 15.75
C ASN B 174 12.07 -5.63 17.21
N ILE B 175 11.92 -6.90 17.60
CA ILE B 175 11.51 -7.28 18.95
C ILE B 175 12.64 -8.07 19.61
N SER B 176 12.96 -7.70 20.85
CA SER B 176 13.96 -8.44 21.63
C SER B 176 13.48 -9.87 21.89
N PRO B 177 14.40 -10.82 22.10
CA PRO B 177 14.01 -12.24 22.18
C PRO B 177 12.94 -12.56 23.23
N LYS B 178 12.99 -11.93 24.39
CA LYS B 178 11.87 -11.94 25.32
C LYS B 178 11.60 -10.50 25.73
N LEU B 179 10.39 -10.04 25.48
CA LEU B 179 10.04 -8.64 25.60
C LEU B 179 9.05 -8.47 26.75
N ASN B 180 9.36 -7.56 27.67
CA ASN B 180 8.42 -7.22 28.72
C ASN B 180 7.49 -6.16 28.17
N THR B 181 6.19 -6.43 28.21
CA THR B 181 5.22 -5.52 27.62
C THR B 181 5.26 -4.14 28.26
N SER B 182 5.61 -4.07 29.54
CA SER B 182 5.67 -2.81 30.28
C SER B 182 6.92 -2.01 29.88
N CYS B 183 7.11 -1.91 28.57
CA CYS B 183 8.22 -1.20 27.95
C CYS B 183 7.71 -0.04 27.10
N LYS B 184 8.55 0.96 26.95
CA LYS B 184 8.31 2.10 26.08
C LYS B 184 9.58 2.33 25.30
N PHE B 185 9.44 2.59 24.01
CA PHE B 185 10.61 2.75 23.16
C PHE B 185 11.54 3.83 23.67
N ASN B 186 12.84 3.50 23.73
CA ASN B 186 13.92 4.46 23.97
C ASN B 186 15.07 4.17 23.02
N LYS B 187 15.62 5.23 22.42
CA LYS B 187 16.62 5.09 21.38
C LYS B 187 17.81 4.29 21.86
N VAL B 188 18.30 4.57 23.07
CA VAL B 188 19.51 3.96 23.60
C VAL B 188 19.20 2.85 24.60
N THR B 189 18.29 3.09 25.55
CA THR B 189 18.09 2.11 26.62
C THR B 189 17.30 0.90 26.15
N ALA B 190 16.30 1.09 25.29
CA ALA B 190 15.48 -0.02 24.77
C ALA B 190 15.14 0.22 23.31
N PRO B 191 16.06 -0.13 22.40
CA PRO B 191 15.81 0.06 20.96
C PRO B 191 14.89 -1.01 20.39
N LEU B 192 14.86 -2.17 21.03
CA LEU B 192 14.04 -3.29 20.59
C LEU B 192 12.71 -3.37 21.32
N CYS B 193 12.22 -2.25 21.84
CA CYS B 193 10.90 -2.10 22.42
C CYS B 193 10.04 -1.30 21.47
N PRO B 194 9.33 -1.91 20.56
CA PRO B 194 8.54 -1.17 19.59
C PRO B 194 7.12 -0.86 20.08
N ILE B 195 7.01 -0.37 21.31
CA ILE B 195 5.75 0.11 21.85
C ILE B 195 5.87 1.63 22.00
N PHE B 196 5.01 2.36 21.29
CA PHE B 196 5.09 3.80 21.19
C PHE B 196 3.83 4.44 21.73
N ARG B 197 3.99 5.43 22.60
CA ARG B 197 2.87 6.29 22.97
C ARG B 197 2.67 7.28 21.83
N LEU B 198 1.43 7.41 21.36
CA LEU B 198 1.16 8.25 20.20
C LEU B 198 1.66 9.67 20.42
N GLY B 199 1.39 10.22 21.62
CA GLY B 199 1.94 11.54 21.94
C GLY B 199 3.43 11.62 21.76
N ASP B 200 4.15 10.57 22.18
CA ASP B 200 5.61 10.56 22.04
C ASP B 200 6.03 10.54 20.58
N ILE B 201 5.27 9.84 19.73
CA ILE B 201 5.57 9.86 18.30
C ILE B 201 5.45 11.27 17.77
N LEU B 202 4.31 11.91 18.00
CA LEU B 202 4.18 13.28 17.50
C LEU B 202 5.22 14.19 18.12
N GLN B 203 5.68 13.85 19.33
CA GLN B 203 6.75 14.60 19.99
C GLN B 203 8.03 14.52 19.18
N GLU B 204 8.46 13.30 18.82
CA GLU B 204 9.66 13.21 18.00
C GLU B 204 9.48 13.84 16.63
N ALA B 205 8.26 13.97 16.14
CA ALA B 205 8.07 14.62 14.85
C ALA B 205 7.93 16.13 14.99
N LYS B 206 8.21 16.68 16.18
CA LYS B 206 8.10 18.11 16.45
C LYS B 206 6.66 18.60 16.27
N GLU B 207 5.70 17.83 16.78
CA GLU B 207 4.28 18.16 16.61
C GLU B 207 3.56 18.07 17.95
N ASN B 208 2.51 18.89 18.09
CA ASN B 208 1.76 18.95 19.33
C ASN B 208 0.51 18.11 19.12
N PHE B 209 0.40 17.01 19.87
CA PHE B 209 -0.73 16.10 19.67
C PHE B 209 -2.05 16.82 19.87
N SER B 210 -2.21 17.54 20.99
CA SER B 210 -3.48 18.18 21.26
C SER B 210 -3.90 19.08 20.10
N GLU B 211 -2.96 19.85 19.55
CA GLU B 211 -3.28 20.72 18.43
C GLU B 211 -3.58 19.92 17.17
N MET B 212 -2.75 18.90 16.85
CA MET B 212 -2.96 18.15 15.62
C MET B 212 -4.24 17.32 15.67
N ALA B 213 -4.66 16.90 16.86
CA ALA B 213 -5.80 16.01 16.99
C ALA B 213 -7.11 16.65 16.57
N VAL B 214 -7.16 17.98 16.49
CA VAL B 214 -8.43 18.61 16.19
C VAL B 214 -8.85 18.33 14.74
N LYS B 215 -7.93 18.52 13.79
CA LYS B 215 -8.23 18.34 12.37
C LYS B 215 -7.50 17.16 11.71
N GLY B 216 -6.70 16.39 12.46
CA GLY B 216 -5.98 15.24 11.89
C GLY B 216 -4.72 15.61 11.13
N GLY B 217 -4.18 14.63 10.42
CA GLY B 217 -2.96 14.81 9.65
C GLY B 217 -2.33 13.47 9.34
N ILE B 218 -1.07 13.53 8.89
CA ILE B 218 -0.37 12.35 8.40
C ILE B 218 1.04 12.31 8.98
N ILE B 219 1.37 11.23 9.67
CA ILE B 219 2.68 11.05 10.28
C ILE B 219 3.35 9.82 9.68
N ALA B 220 4.59 9.96 9.28
CA ALA B 220 5.38 8.87 8.74
C ALA B 220 6.29 8.34 9.83
N ILE B 221 6.15 7.03 10.10
CA ILE B 221 7.08 6.29 10.93
C ILE B 221 8.05 5.59 10.00
N GLU B 222 9.28 6.08 9.95
CA GLU B 222 10.31 5.60 9.03
C GLU B 222 11.21 4.65 9.80
N ILE B 223 11.24 3.38 9.40
CA ILE B 223 12.07 2.35 10.01
C ILE B 223 13.16 1.98 9.02
N LYS B 224 14.41 2.31 9.34
CA LYS B 224 15.53 2.05 8.44
C LYS B 224 16.38 0.91 8.96
N TRP B 225 16.70 -0.04 8.08
CA TRP B 225 17.56 -1.16 8.42
C TRP B 225 18.80 -1.11 7.53
N ASP B 226 19.97 -1.05 8.14
CA ASP B 226 21.23 -1.19 7.43
C ASP B 226 22.00 -2.32 8.11
N CYS B 227 22.09 -3.49 7.46
CA CYS B 227 22.44 -4.74 8.12
C CYS B 227 23.71 -5.37 7.55
N ASP B 228 24.63 -5.75 8.45
CA ASP B 228 25.79 -6.55 8.11
C ASP B 228 25.62 -7.92 8.76
N LEU B 229 25.51 -8.96 7.93
CA LEU B 229 25.22 -10.30 8.43
C LEU B 229 26.47 -11.14 8.71
N ASP B 230 27.66 -10.59 8.49
CA ASP B 230 28.90 -11.32 8.74
C ASP B 230 29.10 -11.56 10.24
N SER B 231 29.72 -12.70 10.56
CA SER B 231 29.87 -13.09 11.96
C SER B 231 30.77 -12.10 12.70
N TRP B 232 31.82 -11.63 12.04
CA TRP B 232 32.60 -10.52 12.57
C TRP B 232 31.82 -9.25 12.30
N SER B 233 31.62 -8.43 13.32
CA SER B 233 30.88 -7.17 13.19
C SER B 233 29.47 -7.42 12.62
N TYR B 234 28.66 -8.01 13.47
CA TYR B 234 27.27 -8.32 13.14
C TYR B 234 26.44 -7.16 13.67
N TYR B 235 25.78 -6.45 12.77
CA TYR B 235 24.88 -5.36 13.17
C TYR B 235 23.63 -5.49 12.31
N CYS B 236 22.48 -5.74 12.95
CA CYS B 236 21.21 -5.64 12.24
C CYS B 236 20.14 -5.21 13.25
N SER B 237 19.88 -3.90 13.29
CA SER B 237 18.90 -3.33 14.22
C SER B 237 18.27 -2.11 13.57
N PRO B 238 17.02 -1.79 13.90
CA PRO B 238 16.32 -0.69 13.22
C PRO B 238 16.64 0.68 13.79
N GLU B 239 16.47 1.69 12.92
CA GLU B 239 16.58 3.09 13.28
C GLU B 239 15.28 3.79 12.92
N TYR B 240 14.58 4.33 13.93
CA TYR B 240 13.29 4.98 13.73
C TYR B 240 13.45 6.50 13.62
N SER B 241 12.71 7.09 12.69
CA SER B 241 12.51 8.53 12.62
C SER B 241 11.03 8.83 12.36
N PHE B 242 10.59 10.02 12.73
CA PHE B 242 9.17 10.37 12.69
C PHE B 242 9.00 11.74 12.04
N ARG B 243 8.08 11.85 11.10
CA ARG B 243 8.00 13.07 10.30
C ARG B 243 6.54 13.36 10.00
N ARG B 244 6.15 14.64 9.99
CA ARG B 244 4.80 14.97 9.57
C ARG B 244 4.76 15.25 8.07
N LEU B 245 3.85 14.58 7.36
CA LEU B 245 3.81 14.61 5.90
C LEU B 245 2.84 15.63 5.30
N ASP B 246 1.85 16.10 6.05
CA ASP B 246 0.93 17.10 5.51
C ASP B 246 1.35 18.49 5.96
N ASP B 247 1.20 19.46 5.05
CA ASP B 247 1.54 20.84 5.34
C ASP B 247 0.68 21.34 6.50
N LYS B 248 1.35 21.83 7.54
CA LYS B 248 0.70 22.25 8.77
C LYS B 248 -0.02 23.58 8.61
N THR B 249 0.25 24.33 7.53
CA THR B 249 -0.28 25.67 7.39
C THR B 249 -1.78 25.65 7.05
N ARG B 250 -2.49 26.65 7.57
CA ARG B 250 -3.95 26.64 7.55
C ARG B 250 -4.50 26.81 6.14
N THR B 251 -3.83 27.60 5.30
CA THR B 251 -4.39 27.88 3.98
C THR B 251 -4.25 26.69 3.05
N GLN B 252 -3.30 25.78 3.33
CA GLN B 252 -2.93 24.69 2.43
C GLN B 252 -3.66 23.40 2.73
N TYR B 253 -4.86 23.46 3.32
CA TYR B 253 -5.72 22.30 3.43
C TYR B 253 -5.00 21.18 4.19
N PRO B 254 -4.68 21.36 5.47
CA PRO B 254 -4.03 20.31 6.23
C PRO B 254 -5.05 19.31 6.78
N GLY B 255 -4.55 18.26 7.43
CA GLY B 255 -5.41 17.34 8.15
C GLY B 255 -5.83 16.12 7.36
N PHE B 256 -6.55 15.22 8.04
CA PHE B 256 -7.06 14.02 7.41
C PHE B 256 -8.32 13.55 8.11
N SER B 257 -9.27 13.03 7.34
CA SER B 257 -10.49 12.48 7.91
C SER B 257 -11.03 11.41 6.98
N ILE B 258 -11.81 10.49 7.56
CA ILE B 258 -12.55 9.49 6.80
C ILE B 258 -14.00 9.70 7.12
N ARG B 259 -14.87 9.50 6.12
CA ARG B 259 -16.31 9.54 6.31
C ARG B 259 -16.82 8.11 6.27
N PHE B 260 -17.68 7.74 7.22
CA PHE B 260 -18.32 6.44 7.13
C PHE B 260 -19.70 6.51 7.76
N ALA B 261 -20.49 5.46 7.56
CA ALA B 261 -21.84 5.45 8.10
C ALA B 261 -22.13 4.10 8.71
N ARG B 262 -23.04 4.11 9.66
CA ARG B 262 -23.54 2.88 10.24
C ARG B 262 -25.01 2.79 9.88
N HIS B 263 -25.37 1.77 9.11
CA HIS B 263 -26.75 1.66 8.64
C HIS B 263 -27.56 0.77 9.56
N TYR B 264 -28.78 1.18 9.78
CA TYR B 264 -29.75 0.45 10.57
C TYR B 264 -31.07 0.36 9.83
N LYS B 265 -31.89 -0.58 10.27
CA LYS B 265 -33.26 -0.69 9.79
C LYS B 265 -34.18 -0.60 11.01
N LEU B 266 -35.23 0.19 10.87
CA LEU B 266 -36.24 0.30 11.90
C LEU B 266 -37.20 -0.88 11.80
N PRO B 267 -37.99 -1.15 12.85
CA PRO B 267 -39.00 -2.21 12.74
C PRO B 267 -39.90 -2.05 11.51
N ASP B 268 -40.21 -0.81 11.16
CA ASP B 268 -41.00 -0.53 9.96
C ASP B 268 -40.33 -1.08 8.70
N GLY B 269 -39.01 -1.22 8.69
CA GLY B 269 -38.27 -1.68 7.54
C GLY B 269 -37.50 -0.59 6.81
N THR B 270 -37.82 0.67 7.06
CA THR B 270 -37.11 1.78 6.43
C THR B 270 -35.67 1.84 6.93
N GLU B 271 -34.75 2.24 6.04
CA GLU B 271 -33.35 2.31 6.42
C GLU B 271 -33.06 3.72 6.95
N GLN B 272 -32.28 3.74 8.01
CA GLN B 272 -31.88 4.94 8.72
C GLN B 272 -30.41 4.77 9.03
N ARG B 273 -29.63 5.85 8.97
CA ARG B 273 -28.19 5.69 9.13
C ARG B 273 -27.63 6.74 10.09
N THR B 274 -26.42 6.47 10.57
CA THR B 274 -25.68 7.35 11.45
C THR B 274 -24.35 7.70 10.80
N LEU B 275 -24.18 8.97 10.46
CA LEU B 275 -23.07 9.46 9.64
C LEU B 275 -21.95 10.02 10.48
N PHE B 276 -20.75 9.51 10.27
CA PHE B 276 -19.55 9.95 10.96
C PHE B 276 -18.61 10.64 9.99
N LYS B 277 -18.11 11.80 10.39
CA LYS B 277 -16.91 12.39 9.84
C LYS B 277 -15.86 12.28 10.94
N ALA B 278 -14.85 11.46 10.71
CA ALA B 278 -13.84 11.14 11.71
C ALA B 278 -12.51 11.75 11.27
N TYR B 279 -12.11 12.83 11.92
CA TYR B 279 -10.76 13.34 11.79
C TYR B 279 -9.83 12.43 12.59
N GLY B 280 -8.62 12.28 12.09
CA GLY B 280 -7.69 11.41 12.78
C GLY B 280 -6.33 11.47 12.13
N ILE B 281 -5.39 10.75 12.72
CA ILE B 281 -4.02 10.69 12.23
C ILE B 281 -3.81 9.35 11.53
N ARG B 282 -3.44 9.40 10.26
CA ARG B 282 -3.05 8.21 9.50
C ARG B 282 -1.56 8.07 9.60
N PHE B 283 -1.09 7.01 10.26
CA PHE B 283 0.33 6.72 10.38
C PHE B 283 0.79 5.84 9.21
N ASP B 284 1.80 6.31 8.47
CA ASP B 284 2.35 5.59 7.33
C ASP B 284 3.69 5.02 7.78
N VAL B 285 3.79 3.69 7.82
CA VAL B 285 4.99 2.99 8.28
C VAL B 285 5.85 2.64 7.06
N LEU B 286 6.94 3.39 6.87
CA LEU B 286 7.79 3.22 5.69
C LEU B 286 9.05 2.49 6.10
N VAL B 287 9.21 1.24 5.62
CA VAL B 287 10.33 0.39 5.99
C VAL B 287 11.20 0.17 4.76
N PHE B 288 12.36 0.79 4.73
CA PHE B 288 13.37 0.63 3.69
C PHE B 288 14.65 0.14 4.33
N GLY B 289 15.50 -0.53 3.55
CA GLY B 289 16.76 -0.96 4.11
C GLY B 289 17.50 -1.91 3.21
N MET B 290 18.77 -2.11 3.55
CA MET B 290 19.65 -2.96 2.76
C MET B 290 20.47 -3.85 3.70
N GLY B 291 20.83 -5.04 3.22
CA GLY B 291 21.69 -5.91 3.99
C GLY B 291 22.73 -6.56 3.11
N GLY B 292 23.84 -6.93 3.74
CA GLY B 292 24.99 -7.44 3.00
C GLY B 292 25.65 -8.58 3.73
N GLN B 293 26.29 -9.45 2.94
CA GLN B 293 26.89 -10.66 3.50
C GLN B 293 28.08 -11.05 2.64
N PHE B 294 29.15 -11.53 3.28
CA PHE B 294 30.36 -11.92 2.55
C PHE B 294 30.04 -12.92 1.44
N LYS B 295 30.63 -12.71 0.27
CA LYS B 295 30.58 -13.69 -0.81
C LYS B 295 31.90 -13.72 -1.56
N LEU B 296 32.33 -14.93 -1.94
CA LEU B 296 33.62 -15.09 -2.62
C LEU B 296 33.60 -14.50 -4.02
N ILE B 297 32.51 -14.72 -4.76
CA ILE B 297 32.43 -14.20 -6.13
C ILE B 297 32.58 -12.68 -6.15
N GLU B 298 32.02 -12.01 -5.13
CA GLU B 298 32.14 -10.55 -5.04
C GLU B 298 33.56 -10.12 -4.76
N LEU B 299 34.22 -10.75 -3.80
CA LEU B 299 35.61 -10.41 -3.50
C LEU B 299 36.48 -10.62 -4.73
N PHE B 300 36.31 -11.74 -5.43
CA PHE B 300 37.14 -11.99 -6.60
C PHE B 300 36.89 -10.95 -7.68
N THR B 301 35.62 -10.62 -7.95
CA THR B 301 35.36 -9.59 -8.97
C THR B 301 35.95 -8.23 -8.57
N PHE B 302 35.96 -7.92 -7.28
CA PHE B 302 36.57 -6.66 -6.84
C PHE B 302 38.08 -6.69 -7.04
N ILE B 303 38.73 -7.79 -6.64
CA ILE B 303 40.17 -7.95 -6.84
C ILE B 303 40.53 -7.85 -8.31
N GLY B 304 39.80 -8.58 -9.16
CA GLY B 304 40.05 -8.50 -10.60
C GLY B 304 39.83 -7.11 -11.15
N SER B 305 38.78 -6.43 -10.69
CA SER B 305 38.50 -5.08 -11.14
C SER B 305 39.62 -4.10 -10.78
N THR B 306 40.03 -4.08 -9.50
CA THR B 306 41.07 -3.14 -9.09
C THR B 306 42.44 -3.53 -9.65
N ILE B 307 42.71 -4.83 -9.77
CA ILE B 307 43.94 -5.28 -10.41
C ILE B 307 44.00 -4.77 -11.85
N ALA B 308 42.91 -4.91 -12.59
CA ALA B 308 42.87 -4.42 -13.96
C ALA B 308 43.04 -2.90 -14.01
N TYR B 309 42.11 -2.16 -13.41
CA TYR B 309 42.12 -0.69 -13.52
C TYR B 309 43.38 -0.11 -12.90
N PHE B 310 43.59 -0.37 -11.61
CA PHE B 310 44.73 0.26 -10.96
C PHE B 310 46.05 -0.40 -11.36
N GLY B 311 46.00 -1.59 -11.95
CA GLY B 311 47.19 -2.12 -12.60
C GLY B 311 47.57 -1.31 -13.82
N LEU B 312 46.58 -0.95 -14.64
CA LEU B 312 46.83 -0.05 -15.76
C LEU B 312 47.35 1.29 -15.29
N ALA B 313 46.75 1.82 -14.21
CA ALA B 313 47.24 3.08 -13.67
C ALA B 313 48.69 2.96 -13.18
N VAL B 314 49.01 1.87 -12.47
CA VAL B 314 50.38 1.71 -11.98
C VAL B 314 51.38 1.68 -13.13
N THR B 315 51.07 0.94 -14.22
CA THR B 315 52.03 0.89 -15.33
C THR B 315 52.13 2.24 -16.05
N ILE B 316 51.00 2.88 -16.31
CA ILE B 316 51.05 4.17 -17.00
C ILE B 316 51.88 5.17 -16.17
N ILE B 317 51.64 5.22 -14.85
CA ILE B 317 52.41 6.17 -14.03
C ILE B 317 53.88 5.78 -14.00
N GLU B 318 54.18 4.49 -14.05
CA GLU B 318 55.54 3.95 -14.07
C GLU B 318 56.39 4.45 -15.23
N MET B 319 55.91 4.19 -16.45
CA MET B 319 56.52 4.64 -17.71
C MET B 319 56.54 6.17 -17.80
N CYS B 320 55.49 6.83 -17.29
CA CYS B 320 55.51 8.29 -17.28
C CYS B 320 56.73 8.77 -16.52
N PHE B 321 56.96 8.22 -15.32
CA PHE B 321 58.15 8.66 -14.57
C PHE B 321 59.44 8.23 -15.26
N HIS B 322 59.44 7.08 -15.96
CA HIS B 322 60.61 6.66 -16.72
C HIS B 322 60.86 7.56 -17.94
N LEU B 323 59.86 7.74 -18.79
CA LEU B 323 60.05 8.42 -20.05
C LEU B 323 60.51 9.86 -19.90
N TYR B 324 60.12 10.52 -18.80
CA TYR B 324 60.39 11.94 -18.66
C TYR B 324 61.53 12.28 -17.69
N ASN B 325 62.04 11.32 -16.92
CA ASN B 325 63.18 11.60 -16.05
C ASN B 325 64.42 10.86 -16.58
N SER C 6 49.13 16.92 -35.40
CA SER C 6 49.14 17.58 -34.10
C SER C 6 47.81 18.28 -33.85
N CYS C 7 47.09 18.56 -34.94
CA CYS C 7 45.75 19.11 -34.79
C CYS C 7 44.82 18.09 -34.13
N VAL C 8 44.96 16.80 -34.51
CA VAL C 8 44.10 15.74 -33.97
C VAL C 8 44.22 15.66 -32.45
N LYS C 9 45.39 15.95 -31.90
CA LYS C 9 45.59 15.87 -30.45
C LYS C 9 44.73 16.89 -29.71
N TRP C 10 44.87 18.16 -30.06
CA TRP C 10 44.09 19.18 -29.38
C TRP C 10 42.61 19.12 -29.76
N PHE C 11 42.29 18.50 -30.90
CA PHE C 11 40.89 18.16 -31.17
C PHE C 11 40.37 17.16 -30.14
N ILE C 12 41.19 16.15 -29.80
CA ILE C 12 40.80 15.19 -28.76
C ILE C 12 40.66 15.91 -27.41
N TYR C 13 41.57 16.81 -27.10
CA TYR C 13 41.47 17.57 -25.85
C TYR C 13 40.19 18.39 -25.81
N GLY C 14 39.84 19.05 -26.92
CA GLY C 14 38.61 19.81 -26.97
C GLY C 14 37.37 18.95 -26.81
N VAL C 15 37.33 17.79 -27.49
CA VAL C 15 36.20 16.88 -27.32
C VAL C 15 36.07 16.46 -25.87
N ILE C 16 37.19 16.10 -25.23
CA ILE C 16 37.13 15.69 -23.84
C ILE C 16 36.60 16.84 -22.97
N ALA C 17 37.14 18.05 -23.14
CA ALA C 17 36.71 19.18 -22.32
C ALA C 17 35.23 19.49 -22.51
N VAL C 18 34.80 19.63 -23.76
CA VAL C 18 33.40 19.92 -24.02
C VAL C 18 32.51 18.83 -23.43
N TYR C 19 32.98 17.57 -23.47
CA TYR C 19 32.21 16.48 -22.88
C TYR C 19 32.14 16.60 -21.36
N ILE C 20 33.25 16.96 -20.72
CA ILE C 20 33.23 17.12 -19.26
C ILE C 20 32.25 18.20 -18.87
N CYS C 21 32.24 19.31 -19.61
CA CYS C 21 31.31 20.37 -19.32
C CYS C 21 29.87 19.93 -19.56
N TYR C 22 29.62 19.24 -20.68
CA TYR C 22 28.28 18.73 -20.95
C TYR C 22 27.78 17.83 -19.83
N THR C 23 28.57 16.84 -19.44
CA THR C 23 28.15 15.98 -18.36
C THR C 23 27.88 16.78 -17.09
N LEU C 24 28.82 17.65 -16.71
CA LEU C 24 28.66 18.45 -15.51
C LEU C 24 27.36 19.24 -15.52
N ILE C 25 27.10 19.98 -16.59
CA ILE C 25 25.97 20.91 -16.63
C ILE C 25 24.66 20.15 -16.80
N VAL C 26 24.58 19.35 -17.86
CA VAL C 26 23.33 18.68 -18.20
C VAL C 26 22.98 17.65 -17.14
N HIS C 27 23.94 16.84 -16.72
CA HIS C 27 23.65 15.83 -15.71
C HIS C 27 23.74 16.35 -14.30
N LYS C 28 24.10 17.62 -14.13
CA LYS C 28 24.12 18.28 -12.83
C LYS C 28 24.89 17.43 -11.81
N ARG C 29 26.14 17.14 -12.18
CA ARG C 29 27.02 16.34 -11.32
C ARG C 29 27.43 17.09 -10.07
N TYR C 30 27.15 18.39 -10.00
CA TYR C 30 27.38 19.19 -8.80
C TYR C 30 26.29 19.01 -7.75
N GLN C 31 25.24 18.24 -8.03
CA GLN C 31 24.12 18.10 -7.11
C GLN C 31 24.15 16.76 -6.40
N GLU C 32 23.77 16.77 -5.13
CA GLU C 32 23.38 15.54 -4.46
C GLU C 32 21.97 15.22 -4.92
N LYS C 33 21.68 13.95 -5.16
CA LYS C 33 20.34 13.58 -5.59
C LYS C 33 19.66 12.80 -4.48
N GLU C 34 18.33 12.94 -4.41
CA GLU C 34 17.59 12.25 -3.37
C GLU C 34 16.24 11.80 -3.92
N GLU C 35 15.84 10.60 -3.49
CA GLU C 35 14.58 10.03 -3.89
C GLU C 35 13.47 10.61 -3.02
N LEU C 36 12.33 10.84 -3.65
CA LEU C 36 11.17 11.48 -3.09
C LEU C 36 10.49 10.64 -1.99
N THR C 37 9.87 11.31 -1.02
CA THR C 37 8.97 10.67 -0.06
C THR C 37 7.59 11.32 -0.19
N SER C 38 6.58 10.50 -0.51
CA SER C 38 5.32 11.10 -0.94
C SER C 38 4.21 10.83 0.06
N SER C 39 3.20 11.67 -0.01
CA SER C 39 1.98 11.56 0.79
C SER C 39 0.79 12.00 -0.04
N VAL C 40 -0.24 11.16 -0.15
CA VAL C 40 -1.44 11.46 -0.91
C VAL C 40 -2.66 11.42 0.00
N ARG C 41 -3.52 12.42 -0.15
CA ARG C 41 -4.85 12.41 0.44
C ARG C 41 -5.83 12.73 -0.68
N VAL C 42 -6.99 12.09 -0.66
CA VAL C 42 -8.01 12.43 -1.66
C VAL C 42 -9.30 12.70 -0.94
N THR C 43 -10.11 13.57 -1.53
CA THR C 43 -11.45 13.81 -1.00
C THR C 43 -12.42 13.82 -2.18
N LEU C 44 -13.49 13.04 -2.06
CA LEU C 44 -14.51 12.92 -3.09
C LEU C 44 -15.66 13.85 -2.79
N LYS C 45 -16.19 14.49 -3.82
CA LYS C 45 -17.37 15.33 -3.69
C LYS C 45 -18.33 15.00 -4.83
N GLY C 46 -19.59 14.81 -4.49
CA GLY C 46 -20.65 14.60 -5.47
C GLY C 46 -21.78 13.78 -4.88
N VAL C 47 -22.95 13.89 -5.52
CA VAL C 47 -24.16 13.20 -5.07
C VAL C 47 -24.91 12.67 -6.29
N ALA C 48 -25.38 11.43 -6.22
CA ALA C 48 -26.20 10.85 -7.27
C ALA C 48 -27.56 10.50 -6.68
N HIS C 49 -28.62 10.82 -7.44
CA HIS C 49 -29.97 10.47 -7.00
C HIS C 49 -30.55 9.40 -7.94
N VAL C 50 -30.47 8.14 -7.51
CA VAL C 50 -31.04 7.02 -8.26
C VAL C 50 -31.77 6.08 -7.31
N ASP C 51 -33.09 6.28 -7.17
CA ASP C 51 -33.92 5.43 -6.32
C ASP C 51 -33.53 5.60 -4.85
N ARG C 52 -32.45 6.33 -4.61
CA ARG C 52 -31.92 6.60 -3.28
C ARG C 52 -30.86 7.70 -3.43
N ILE C 53 -30.48 8.29 -2.31
CA ILE C 53 -29.53 9.39 -2.33
C ILE C 53 -28.15 8.78 -2.05
N TRP C 54 -27.30 8.77 -3.07
CA TRP C 54 -25.92 8.27 -2.97
C TRP C 54 -25.01 9.47 -2.74
N ASP C 55 -24.70 9.74 -1.48
CA ASP C 55 -23.65 10.68 -1.15
C ASP C 55 -22.36 9.90 -0.89
N ALA C 56 -21.31 10.61 -0.49
CA ALA C 56 -20.00 9.98 -0.37
C ALA C 56 -20.01 8.82 0.61
N ALA C 57 -20.79 8.92 1.69
CA ALA C 57 -20.87 7.83 2.64
C ALA C 57 -21.45 6.55 2.05
N GLU C 58 -22.18 6.67 0.94
CA GLU C 58 -22.86 5.57 0.26
C GLU C 58 -22.04 4.90 -0.85
N TYR C 59 -21.37 5.68 -1.70
CA TYR C 59 -20.66 5.13 -2.85
C TYR C 59 -19.17 4.95 -2.61
N THR C 60 -18.71 5.09 -1.38
CA THR C 60 -17.30 4.84 -1.09
C THR C 60 -17.24 3.92 0.13
N ILE C 61 -16.09 3.29 0.35
CA ILE C 61 -15.89 2.49 1.57
C ILE C 61 -14.76 3.13 2.38
N PRO C 62 -14.76 3.01 3.70
CA PRO C 62 -13.72 3.70 4.48
C PRO C 62 -12.32 3.35 4.03
N THR C 63 -11.60 4.40 3.63
CA THR C 63 -10.31 4.31 2.94
C THR C 63 -9.21 4.63 3.94
N GLN C 64 -8.47 3.60 4.35
CA GLN C 64 -7.28 3.78 5.16
C GLN C 64 -5.99 3.66 4.35
N THR C 65 -6.09 3.29 3.07
CA THR C 65 -4.93 3.10 2.21
C THR C 65 -4.33 4.45 1.84
N ARG C 66 -3.02 4.46 1.60
CA ARG C 66 -2.35 5.72 1.33
C ARG C 66 -2.12 6.00 -0.14
N ASP C 67 -2.32 5.02 -1.02
CA ASP C 67 -2.00 5.22 -2.42
C ASP C 67 -3.18 5.04 -3.35
N SER C 68 -4.39 4.82 -2.84
CA SER C 68 -5.48 4.51 -3.75
C SER C 68 -6.82 4.94 -3.17
N PHE C 69 -7.83 5.02 -4.04
CA PHE C 69 -9.21 5.26 -3.63
C PHE C 69 -10.16 4.67 -4.66
N PHE C 70 -11.35 4.28 -4.21
CA PHE C 70 -12.30 3.51 -4.97
C PHE C 70 -13.67 4.18 -4.99
N VAL C 71 -14.24 4.33 -6.19
CA VAL C 71 -15.55 4.94 -6.40
C VAL C 71 -16.49 3.91 -7.01
N MET C 72 -17.68 3.75 -6.43
CA MET C 72 -18.66 2.81 -6.97
C MET C 72 -19.32 3.38 -8.22
N THR C 73 -19.36 2.57 -9.28
CA THR C 73 -20.05 2.97 -10.50
C THR C 73 -21.27 2.13 -10.86
N ASN C 74 -21.32 0.85 -10.51
CA ASN C 74 -22.48 0.04 -10.85
C ASN C 74 -22.74 -0.90 -9.68
N ILE C 75 -24.01 -1.26 -9.47
CA ILE C 75 -24.38 -1.90 -8.21
C ILE C 75 -25.40 -3.01 -8.45
N ILE C 76 -25.19 -4.14 -7.78
CA ILE C 76 -26.19 -5.19 -7.68
C ILE C 76 -26.43 -5.43 -6.18
N ARG C 77 -27.66 -5.19 -5.74
CA ARG C 77 -28.04 -5.31 -4.34
C ARG C 77 -29.11 -6.37 -4.19
N THR C 78 -28.95 -7.22 -3.19
CA THR C 78 -29.90 -8.29 -2.89
C THR C 78 -30.23 -8.18 -1.41
N GLU C 79 -31.47 -7.82 -1.09
CA GLU C 79 -31.82 -7.44 0.27
C GLU C 79 -32.53 -8.57 0.99
N ASN C 80 -32.50 -8.48 2.33
CA ASN C 80 -33.30 -9.38 3.16
C ASN C 80 -32.91 -10.84 2.94
N GLN C 81 -31.62 -11.11 2.80
CA GLN C 81 -31.14 -12.48 2.65
C GLN C 81 -31.07 -13.19 3.99
N ILE C 82 -31.63 -14.38 4.06
CA ILE C 82 -31.69 -15.15 5.28
C ILE C 82 -31.06 -16.51 5.02
N GLN C 83 -30.40 -17.05 6.03
CA GLN C 83 -29.84 -18.39 5.92
C GLN C 83 -31.00 -19.39 5.98
N LYS C 84 -31.17 -20.15 4.90
CA LYS C 84 -32.20 -21.16 4.76
C LYS C 84 -31.86 -21.98 3.51
N THR C 85 -32.81 -22.79 3.04
CA THR C 85 -32.62 -23.48 1.77
C THR C 85 -33.29 -22.70 0.63
N CYS C 86 -32.69 -22.80 -0.55
CA CYS C 86 -33.21 -22.15 -1.76
C CYS C 86 -32.54 -22.80 -2.96
N PRO C 87 -33.04 -22.51 -4.15
CA PRO C 87 -32.36 -22.97 -5.38
C PRO C 87 -31.08 -22.19 -5.63
N GLU C 88 -30.08 -22.90 -6.16
CA GLU C 88 -28.84 -22.29 -6.62
C GLU C 88 -29.12 -21.27 -7.71
N TYR C 89 -28.15 -20.41 -7.95
CA TYR C 89 -28.24 -19.55 -9.12
C TYR C 89 -27.95 -20.36 -10.39
N PRO C 90 -28.63 -20.05 -11.52
CA PRO C 90 -28.43 -20.85 -12.72
C PRO C 90 -27.11 -20.60 -13.40
N THR C 91 -26.11 -21.36 -12.98
CA THR C 91 -24.81 -21.37 -13.61
C THR C 91 -24.67 -22.76 -14.20
N ALA C 92 -23.93 -22.86 -15.31
CA ALA C 92 -23.89 -24.09 -16.10
C ALA C 92 -23.81 -25.33 -15.23
N LYS C 93 -22.85 -25.35 -14.31
CA LYS C 93 -22.65 -26.53 -13.47
C LYS C 93 -23.77 -26.76 -12.44
N ALA C 94 -24.68 -25.79 -12.25
CA ALA C 94 -25.71 -25.87 -11.21
C ALA C 94 -27.09 -26.27 -11.72
N ILE C 95 -27.32 -26.21 -13.01
CA ILE C 95 -28.63 -26.55 -13.56
C ILE C 95 -28.76 -28.07 -13.59
N CYS C 96 -29.95 -28.56 -13.29
CA CYS C 96 -30.19 -29.98 -13.20
C CYS C 96 -31.56 -30.30 -13.78
N SER C 97 -31.69 -31.50 -14.32
CA SER C 97 -33.01 -32.02 -14.69
C SER C 97 -33.58 -32.98 -13.66
N SER C 98 -32.71 -33.72 -12.95
CA SER C 98 -33.11 -34.72 -11.96
C SER C 98 -32.17 -34.70 -10.77
N ASP C 99 -32.61 -35.32 -9.67
CA ASP C 99 -31.86 -35.29 -8.42
C ASP C 99 -30.51 -35.98 -8.52
N LYS C 100 -30.31 -36.82 -9.53
CA LYS C 100 -29.07 -37.56 -9.62
C LYS C 100 -27.87 -36.65 -9.94
N SER C 101 -28.11 -35.54 -10.65
CA SER C 101 -27.01 -34.62 -10.94
C SER C 101 -26.59 -33.82 -9.72
N CYS C 102 -27.50 -33.63 -8.75
CA CYS C 102 -27.22 -32.82 -7.57
C CYS C 102 -26.64 -33.70 -6.46
N ALA C 103 -25.34 -33.56 -6.24
CA ALA C 103 -24.71 -34.29 -5.15
C ALA C 103 -24.99 -33.58 -3.83
N LYS C 104 -25.08 -34.37 -2.77
CA LYS C 104 -25.36 -33.83 -1.46
C LYS C 104 -24.06 -33.49 -0.74
N GLY C 105 -24.07 -32.41 0.02
CA GLY C 105 -22.91 -32.07 0.82
C GLY C 105 -21.79 -31.41 0.07
N ILE C 106 -20.77 -32.20 -0.29
CA ILE C 106 -19.55 -31.72 -0.93
C ILE C 106 -19.96 -30.84 -2.11
N VAL C 107 -19.52 -29.60 -2.06
CA VAL C 107 -19.92 -28.58 -3.01
C VAL C 107 -18.82 -28.33 -4.03
N ASP C 108 -19.09 -27.42 -4.95
CA ASP C 108 -18.10 -26.98 -5.92
C ASP C 108 -17.66 -25.59 -5.52
N VAL C 109 -16.50 -25.17 -6.04
CA VAL C 109 -15.93 -23.89 -5.66
C VAL C 109 -16.86 -22.74 -6.04
N HIS C 110 -17.66 -22.94 -7.08
CA HIS C 110 -18.58 -21.95 -7.60
C HIS C 110 -19.93 -21.93 -6.88
N SER C 111 -20.15 -22.84 -5.93
CA SER C 111 -21.44 -22.93 -5.25
C SER C 111 -21.52 -21.91 -4.13
N ASN C 112 -22.73 -21.44 -3.86
CA ASN C 112 -22.98 -20.42 -2.84
C ASN C 112 -23.42 -21.02 -1.53
N GLY C 113 -23.37 -22.34 -1.39
CA GLY C 113 -23.84 -22.96 -0.16
C GLY C 113 -23.79 -24.46 -0.30
N VAL C 114 -23.99 -25.13 0.84
CA VAL C 114 -23.96 -26.58 0.87
C VAL C 114 -25.23 -27.14 0.24
N GLN C 115 -25.05 -28.11 -0.67
CA GLN C 115 -26.16 -28.69 -1.42
C GLN C 115 -26.93 -29.71 -0.60
N THR C 116 -28.26 -29.64 -0.66
CA THR C 116 -29.10 -30.64 -0.04
C THR C 116 -29.21 -31.91 -0.86
N GLY C 117 -28.88 -31.85 -2.15
CA GLY C 117 -28.98 -32.99 -3.03
C GLY C 117 -30.26 -33.08 -3.83
N LYS C 118 -31.21 -32.18 -3.59
CA LYS C 118 -32.46 -32.13 -4.35
C LYS C 118 -32.36 -31.16 -5.54
N CYS C 119 -33.09 -31.46 -6.60
CA CYS C 119 -33.17 -30.62 -7.79
C CYS C 119 -34.52 -29.92 -7.81
N VAL C 120 -34.51 -28.60 -7.66
CA VAL C 120 -35.70 -27.82 -7.36
C VAL C 120 -35.83 -26.68 -8.36
N HIS C 121 -37.05 -26.15 -8.49
CA HIS C 121 -37.33 -25.14 -9.52
C HIS C 121 -36.66 -23.81 -9.20
N TYR C 122 -35.99 -23.24 -10.21
CA TYR C 122 -35.50 -21.87 -10.15
C TYR C 122 -36.48 -20.92 -10.86
N ASN C 123 -36.80 -21.19 -12.13
CA ASN C 123 -37.87 -20.50 -12.84
C ASN C 123 -39.10 -21.37 -12.90
N ILE C 124 -40.07 -20.90 -13.67
CA ILE C 124 -41.06 -21.79 -14.27
C ILE C 124 -40.35 -22.90 -15.03
N THR C 125 -39.34 -22.51 -15.82
CA THR C 125 -38.73 -23.31 -16.87
C THR C 125 -37.59 -24.20 -16.43
N HIS C 126 -36.69 -23.71 -15.59
CA HIS C 126 -35.49 -24.49 -15.27
C HIS C 126 -35.43 -24.80 -13.79
N LYS C 127 -34.76 -25.90 -13.49
CA LYS C 127 -34.48 -26.33 -12.13
C LYS C 127 -32.98 -26.25 -11.89
N THR C 128 -32.62 -26.25 -10.61
CA THR C 128 -31.24 -26.06 -10.19
C THR C 128 -31.07 -26.68 -8.82
N CYS C 129 -29.83 -26.99 -8.46
CA CYS C 129 -29.60 -27.73 -7.22
C CYS C 129 -29.94 -26.90 -5.98
N GLU C 130 -30.69 -27.48 -5.06
CA GLU C 130 -30.99 -26.81 -3.80
C GLU C 130 -29.75 -26.76 -2.92
N ILE C 131 -29.63 -25.64 -2.18
CA ILE C 131 -28.49 -25.39 -1.29
C ILE C 131 -28.98 -24.71 -0.01
N LYS C 132 -28.22 -24.88 1.06
CA LYS C 132 -28.34 -24.06 2.26
C LYS C 132 -27.41 -22.86 2.10
N ALA C 133 -27.98 -21.66 2.02
CA ALA C 133 -27.18 -20.50 1.70
C ALA C 133 -27.92 -19.26 2.16
N TRP C 134 -27.35 -18.09 1.86
CA TRP C 134 -28.03 -16.84 2.15
C TRP C 134 -29.04 -16.63 1.03
N CYS C 135 -30.30 -16.76 1.36
CA CYS C 135 -31.34 -16.85 0.36
C CYS C 135 -32.19 -15.60 0.32
N PRO C 136 -32.49 -15.08 -0.87
CA PRO C 136 -32.16 -15.61 -2.20
C PRO C 136 -30.72 -15.36 -2.65
N VAL C 137 -30.12 -16.26 -3.43
CA VAL C 137 -28.78 -16.02 -3.95
C VAL C 137 -28.80 -14.84 -4.91
N GLN C 138 -27.69 -14.12 -4.94
CA GLN C 138 -27.60 -12.91 -5.73
C GLN C 138 -27.46 -13.29 -7.20
N GLY C 139 -28.45 -12.88 -8.00
CA GLY C 139 -28.60 -13.46 -9.30
C GLY C 139 -28.76 -12.64 -10.56
N GLU C 140 -28.37 -11.37 -10.61
CA GLU C 140 -28.30 -10.76 -11.91
C GLU C 140 -27.10 -11.32 -12.68
N GLU C 141 -25.94 -11.28 -12.04
CA GLU C 141 -24.65 -11.80 -12.50
C GLU C 141 -24.16 -10.95 -13.68
N ARG C 142 -25.07 -10.18 -14.27
CA ARG C 142 -24.81 -9.25 -15.36
C ARG C 142 -25.27 -7.87 -14.93
N PRO C 143 -24.35 -6.92 -14.79
CA PRO C 143 -24.69 -5.64 -14.18
C PRO C 143 -25.62 -4.83 -15.05
N PRO C 144 -26.36 -3.91 -14.44
CA PRO C 144 -27.40 -3.16 -15.15
C PRO C 144 -26.92 -2.52 -16.44
N VAL C 145 -27.81 -2.56 -17.45
CA VAL C 145 -27.38 -2.28 -18.83
C VAL C 145 -26.85 -0.87 -19.02
N PRO C 146 -27.46 0.20 -18.49
CA PRO C 146 -26.66 1.40 -18.15
C PRO C 146 -26.27 1.35 -16.68
N ALA C 147 -25.04 1.79 -16.37
CA ALA C 147 -24.55 1.74 -15.00
C ALA C 147 -25.39 2.61 -14.08
N VAL C 148 -25.72 2.07 -12.90
CA VAL C 148 -26.63 2.79 -12.00
C VAL C 148 -26.00 4.07 -11.48
N LEU C 149 -24.72 4.05 -11.10
CA LEU C 149 -24.04 5.27 -10.67
C LEU C 149 -23.21 5.90 -11.77
N ARG C 150 -23.63 5.77 -13.03
CA ARG C 150 -22.90 6.41 -14.13
C ARG C 150 -22.71 7.90 -13.87
N SER C 151 -23.64 8.55 -13.17
CA SER C 151 -23.53 9.96 -12.83
C SER C 151 -22.26 10.32 -12.05
N SER C 152 -21.61 9.34 -11.40
CA SER C 152 -20.33 9.61 -10.72
C SER C 152 -19.30 10.20 -11.68
N GLU C 153 -19.56 10.12 -12.99
CA GLU C 153 -18.71 10.78 -13.97
C GLU C 153 -18.47 12.24 -13.60
N ASP C 154 -19.49 12.89 -13.04
CA ASP C 154 -19.46 14.31 -12.71
C ASP C 154 -18.92 14.60 -11.32
N PHE C 155 -18.62 13.57 -10.54
CA PHE C 155 -18.03 13.79 -9.22
C PHE C 155 -16.63 14.37 -9.36
N THR C 156 -16.18 15.09 -8.33
CA THR C 156 -14.82 15.60 -8.33
C THR C 156 -13.99 15.00 -7.21
N VAL C 157 -12.69 14.84 -7.49
CA VAL C 157 -11.72 14.36 -6.51
C VAL C 157 -10.65 15.42 -6.35
N PHE C 158 -10.30 15.72 -5.09
CA PHE C 158 -9.26 16.67 -4.73
C PHE C 158 -8.06 15.88 -4.21
N ILE C 159 -6.96 15.86 -4.97
CA ILE C 159 -5.79 15.04 -4.69
C ILE C 159 -4.69 15.92 -4.08
N LYS C 160 -4.45 15.77 -2.77
CA LYS C 160 -3.46 16.56 -2.03
C LYS C 160 -2.17 15.77 -1.90
N ASN C 161 -1.16 16.13 -2.69
CA ASN C 161 0.12 15.42 -2.72
C ASN C 161 1.22 16.27 -2.11
N ASN C 162 1.88 15.76 -1.06
CA ASN C 162 2.99 16.47 -0.44
C ASN C 162 4.23 15.58 -0.55
N ILE C 163 5.27 16.09 -1.17
CA ILE C 163 6.52 15.36 -1.38
C ILE C 163 7.57 15.99 -0.48
N HIS C 164 8.46 15.15 0.05
CA HIS C 164 9.49 15.55 1.00
C HIS C 164 10.85 15.07 0.51
N PHE C 165 11.86 15.93 0.62
CA PHE C 165 13.26 15.52 0.46
C PHE C 165 13.92 15.65 1.82
N PRO C 166 13.97 14.59 2.63
CA PRO C 166 14.37 14.78 4.04
C PRO C 166 15.78 15.31 4.22
N THR C 167 16.74 14.84 3.42
CA THR C 167 18.11 15.34 3.52
C THR C 167 18.19 16.85 3.30
N PHE C 168 17.57 17.34 2.22
CA PHE C 168 17.57 18.77 1.97
C PHE C 168 16.62 19.53 2.88
N GLN C 169 15.84 18.82 3.70
CA GLN C 169 14.85 19.43 4.59
C GLN C 169 13.90 20.35 3.83
N TYR C 170 13.45 19.89 2.66
CA TYR C 170 12.59 20.66 1.77
C TYR C 170 11.33 19.87 1.43
N THR C 171 10.19 20.56 1.41
CA THR C 171 8.90 19.96 1.10
C THR C 171 8.11 20.84 0.14
N VAL C 172 7.38 20.18 -0.75
CA VAL C 172 6.55 20.82 -1.76
C VAL C 172 5.22 20.09 -1.76
N GLN C 173 4.19 20.78 -2.24
CA GLN C 173 2.89 20.16 -2.51
C GLN C 173 2.36 20.61 -3.87
N ASN C 174 1.40 19.86 -4.39
CA ASN C 174 0.84 20.11 -5.70
C ASN C 174 -0.31 21.09 -5.66
N ILE C 175 -0.38 21.90 -4.61
CA ILE C 175 -1.47 22.86 -4.40
C ILE C 175 -0.88 24.26 -4.49
N SER C 176 -1.55 25.15 -5.23
CA SER C 176 -1.11 26.53 -5.35
C SER C 176 -1.07 27.21 -3.98
N PRO C 177 -0.23 28.25 -3.82
CA PRO C 177 -0.02 28.82 -2.46
C PRO C 177 -1.27 29.34 -1.76
N LYS C 178 -2.21 29.94 -2.47
CA LYS C 178 -3.55 30.09 -1.91
C LYS C 178 -4.48 29.63 -3.01
N LEU C 179 -5.28 28.61 -2.73
CA LEU C 179 -6.01 27.93 -3.79
C LEU C 179 -7.51 28.13 -3.63
N ASN C 180 -8.15 28.63 -4.70
CA ASN C 180 -9.60 28.71 -4.72
C ASN C 180 -10.13 27.41 -5.30
N THR C 181 -11.02 26.77 -4.54
CA THR C 181 -11.58 25.47 -4.89
C THR C 181 -12.30 25.48 -6.23
N SER C 182 -12.78 26.65 -6.67
CA SER C 182 -13.57 26.76 -7.89
C SER C 182 -12.74 26.58 -9.16
N CYS C 183 -11.55 26.00 -9.02
CA CYS C 183 -10.63 25.72 -10.11
C CYS C 183 -10.79 24.27 -10.57
N LYS C 184 -10.45 24.03 -11.83
CA LYS C 184 -10.39 22.69 -12.41
C LYS C 184 -9.04 22.50 -13.10
N PHE C 185 -8.45 21.32 -12.90
CA PHE C 185 -7.11 21.05 -13.40
C PHE C 185 -6.98 21.30 -14.91
N ASN C 186 -5.92 22.03 -15.29
CA ASN C 186 -5.49 22.22 -16.67
C ASN C 186 -3.98 22.06 -16.74
N LYS C 187 -3.53 21.29 -17.75
CA LYS C 187 -2.11 20.96 -17.87
C LYS C 187 -1.25 22.21 -17.93
N VAL C 188 -1.68 23.20 -18.70
CA VAL C 188 -0.89 24.41 -18.92
C VAL C 188 -1.38 25.58 -18.07
N THR C 189 -2.70 25.86 -18.08
CA THR C 189 -3.20 27.08 -17.47
C THR C 189 -3.24 27.00 -15.93
N ALA C 190 -3.58 25.83 -15.38
CA ALA C 190 -3.61 25.66 -13.92
C ALA C 190 -3.07 24.29 -13.56
N PRO C 191 -1.74 24.12 -13.57
CA PRO C 191 -1.15 22.82 -13.23
C PRO C 191 -1.18 22.52 -11.76
N LEU C 192 -1.31 23.54 -10.90
CA LEU C 192 -1.33 23.33 -9.47
C LEU C 192 -2.75 23.30 -8.91
N CYS C 193 -3.74 22.96 -9.74
CA CYS C 193 -5.12 22.78 -9.32
C CYS C 193 -5.48 21.30 -9.32
N PRO C 194 -5.23 20.59 -8.28
CA PRO C 194 -5.43 19.14 -8.30
C PRO C 194 -6.88 18.76 -8.00
N ILE C 195 -7.81 19.44 -8.66
CA ILE C 195 -9.22 19.11 -8.59
C ILE C 195 -9.61 18.60 -9.97
N PHE C 196 -10.01 17.32 -10.03
CA PHE C 196 -10.28 16.61 -11.27
C PHE C 196 -11.73 16.10 -11.28
N ARG C 197 -12.43 16.31 -12.40
CA ARG C 197 -13.68 15.61 -12.64
C ARG C 197 -13.37 14.20 -13.11
N LEU C 198 -14.02 13.19 -12.48
CA LEU C 198 -13.71 11.80 -12.80
C LEU C 198 -13.83 11.51 -14.29
N GLY C 199 -14.89 12.02 -14.92
CA GLY C 199 -15.00 11.88 -16.35
C GLY C 199 -13.76 12.36 -17.09
N ASP C 200 -13.24 13.51 -16.67
CA ASP C 200 -12.03 14.06 -17.30
C ASP C 200 -10.81 13.19 -17.05
N ILE C 201 -10.73 12.57 -15.87
CA ILE C 201 -9.65 11.63 -15.60
C ILE C 201 -9.69 10.50 -16.60
N LEU C 202 -10.84 9.82 -16.70
CA LEU C 202 -10.91 8.71 -17.65
C LEU C 202 -10.73 9.20 -19.08
N GLN C 203 -11.09 10.45 -19.35
CA GLN C 203 -10.87 11.04 -20.68
C GLN C 203 -9.39 11.08 -21.00
N GLU C 204 -8.59 11.61 -20.07
CA GLU C 204 -7.16 11.70 -20.30
C GLU C 204 -6.52 10.32 -20.46
N ALA C 205 -7.14 9.27 -19.91
CA ALA C 205 -6.66 7.92 -20.06
C ALA C 205 -7.21 7.23 -21.30
N LYS C 206 -7.87 7.98 -22.20
CA LYS C 206 -8.42 7.44 -23.43
C LYS C 206 -9.49 6.37 -23.14
N GLU C 207 -10.36 6.66 -22.17
CA GLU C 207 -11.41 5.74 -21.76
C GLU C 207 -12.75 6.45 -21.68
N ASN C 208 -13.81 5.69 -21.84
CA ASN C 208 -15.17 6.22 -21.79
C ASN C 208 -15.76 5.90 -20.43
N PHE C 209 -16.11 6.94 -19.65
CA PHE C 209 -16.66 6.71 -18.33
C PHE C 209 -17.94 5.90 -18.41
N SER C 210 -18.85 6.25 -19.34
CA SER C 210 -20.09 5.48 -19.47
C SER C 210 -19.79 4.02 -19.69
N GLU C 211 -18.85 3.72 -20.59
CA GLU C 211 -18.53 2.33 -20.86
C GLU C 211 -17.90 1.67 -19.63
N MET C 212 -16.87 2.29 -19.05
CA MET C 212 -16.15 1.68 -17.94
C MET C 212 -17.02 1.53 -16.69
N ALA C 213 -18.06 2.35 -16.55
CA ALA C 213 -18.84 2.35 -15.33
C ALA C 213 -19.63 1.06 -15.12
N VAL C 214 -19.86 0.24 -16.15
CA VAL C 214 -20.71 -0.93 -15.98
C VAL C 214 -20.01 -2.01 -15.16
N LYS C 215 -18.78 -2.37 -15.54
CA LYS C 215 -18.00 -3.40 -14.86
C LYS C 215 -16.80 -2.87 -14.09
N GLY C 216 -16.57 -1.57 -14.10
CA GLY C 216 -15.46 -1.04 -13.33
C GLY C 216 -14.12 -1.19 -14.03
N GLY C 217 -13.07 -0.97 -13.26
CA GLY C 217 -11.71 -1.05 -13.76
C GLY C 217 -10.74 -0.37 -12.82
N ILE C 218 -9.54 -0.13 -13.35
CA ILE C 218 -8.43 0.41 -12.58
C ILE C 218 -7.74 1.49 -13.39
N ILE C 219 -7.64 2.68 -12.81
CA ILE C 219 -6.99 3.82 -13.44
C ILE C 219 -5.81 4.21 -12.57
N ALA C 220 -4.66 4.40 -13.20
CA ALA C 220 -3.46 4.87 -12.52
C ALA C 220 -3.30 6.36 -12.77
N ILE C 221 -3.29 7.15 -11.70
CA ILE C 221 -2.98 8.58 -11.75
C ILE C 221 -1.51 8.69 -11.37
N GLU C 222 -0.65 9.01 -12.34
CA GLU C 222 0.79 9.00 -12.13
C GLU C 222 1.27 10.44 -11.96
N ILE C 223 1.82 10.73 -10.78
CA ILE C 223 2.35 12.07 -10.47
C ILE C 223 3.86 11.99 -10.38
N LYS C 224 4.55 12.61 -11.36
CA LYS C 224 6.00 12.61 -11.48
C LYS C 224 6.61 13.95 -11.06
N TRP C 225 7.62 13.90 -10.20
CA TRP C 225 8.34 15.10 -9.76
C TRP C 225 9.81 14.99 -10.18
N ASP C 226 10.28 15.95 -10.96
CA ASP C 226 11.70 16.09 -11.28
C ASP C 226 12.12 17.48 -10.83
N CYS C 227 12.84 17.55 -9.72
CA CYS C 227 12.99 18.82 -9.00
C CYS C 227 14.44 19.26 -8.90
N ASP C 228 14.67 20.51 -9.30
CA ASP C 228 15.94 21.21 -9.09
C ASP C 228 15.70 22.32 -8.08
N LEU C 229 16.35 22.21 -6.93
CA LEU C 229 16.18 23.14 -5.82
C LEU C 229 17.19 24.27 -5.83
N ASP C 230 18.09 24.33 -6.81
CA ASP C 230 19.06 25.42 -6.86
C ASP C 230 18.36 26.71 -7.23
N SER C 231 18.81 27.82 -6.62
CA SER C 231 18.11 29.09 -6.78
C SER C 231 18.19 29.61 -8.21
N TRP C 232 19.30 29.39 -8.90
CA TRP C 232 19.41 29.92 -10.25
C TRP C 232 18.58 29.14 -11.26
N SER C 233 18.35 27.86 -11.01
CA SER C 233 17.52 27.03 -11.88
C SER C 233 16.54 26.27 -11.01
N TYR C 234 15.46 26.92 -10.58
CA TYR C 234 14.50 26.26 -9.70
C TYR C 234 13.28 25.79 -10.49
N TYR C 235 13.05 24.48 -10.47
CA TYR C 235 11.83 23.87 -11.00
C TYR C 235 11.43 22.78 -10.03
N CYS C 236 10.23 22.89 -9.45
CA CYS C 236 9.67 21.72 -8.76
C CYS C 236 8.15 21.78 -8.86
N SER C 237 7.61 21.11 -9.87
CA SER C 237 6.16 21.05 -10.05
C SER C 237 5.85 19.71 -10.68
N PRO C 238 4.68 19.14 -10.40
CA PRO C 238 4.36 17.79 -10.87
C PRO C 238 3.78 17.78 -12.27
N GLU C 239 3.96 16.65 -12.94
CA GLU C 239 3.32 16.36 -14.21
C GLU C 239 2.53 15.06 -14.07
N TYR C 240 1.24 15.13 -14.41
CA TYR C 240 0.35 14.00 -14.28
C TYR C 240 0.23 13.23 -15.61
N SER C 241 0.20 11.91 -15.53
CA SER C 241 -0.25 11.08 -16.62
C SER C 241 -1.29 10.10 -16.09
N PHE C 242 -2.14 9.59 -17.00
CA PHE C 242 -3.28 8.76 -16.64
C PHE C 242 -3.36 7.55 -17.57
N ARG C 243 -3.52 6.37 -16.99
CA ARG C 243 -3.42 5.12 -17.73
C ARG C 243 -4.37 4.07 -17.16
N ARG C 244 -4.99 3.28 -18.03
CA ARG C 244 -5.85 2.21 -17.57
C ARG C 244 -5.04 0.92 -17.42
N LEU C 245 -5.11 0.32 -16.23
CA LEU C 245 -4.21 -0.78 -15.91
C LEU C 245 -4.78 -2.15 -16.23
N ASP C 246 -6.09 -2.28 -16.38
CA ASP C 246 -6.69 -3.56 -16.73
C ASP C 246 -6.94 -3.59 -18.24
N ASP C 247 -6.63 -4.74 -18.85
CA ASP C 247 -6.70 -4.92 -20.29
C ASP C 247 -8.14 -4.70 -20.75
N LYS C 248 -8.35 -3.71 -21.61
CA LYS C 248 -9.70 -3.46 -22.14
C LYS C 248 -9.93 -4.48 -23.25
N THR C 249 -10.63 -5.57 -22.91
CA THR C 249 -10.83 -6.70 -23.82
C THR C 249 -11.86 -7.66 -23.23
N ARG C 250 -12.55 -8.36 -24.12
CA ARG C 250 -13.70 -9.15 -23.69
C ARG C 250 -13.26 -10.40 -22.91
N THR C 251 -12.24 -11.11 -23.42
CA THR C 251 -11.90 -12.43 -22.87
C THR C 251 -10.97 -12.38 -21.65
N GLN C 252 -10.16 -11.33 -21.49
CA GLN C 252 -9.08 -11.33 -20.49
C GLN C 252 -9.50 -10.70 -19.18
N TYR C 253 -10.77 -10.78 -18.87
CA TYR C 253 -11.29 -10.56 -17.54
C TYR C 253 -10.97 -9.16 -17.02
N PRO C 254 -11.49 -8.11 -17.65
CA PRO C 254 -11.29 -6.76 -17.12
C PRO C 254 -12.35 -6.44 -16.07
N GLY C 255 -12.22 -5.28 -15.45
CA GLY C 255 -13.18 -4.76 -14.50
C GLY C 255 -12.77 -4.97 -13.04
N PHE C 256 -13.53 -4.33 -12.14
CA PHE C 256 -13.22 -4.40 -10.72
C PHE C 256 -14.48 -4.26 -9.89
N SER C 257 -14.53 -4.99 -8.78
CA SER C 257 -15.68 -4.89 -7.90
C SER C 257 -15.26 -5.25 -6.49
N ILE C 258 -16.07 -4.84 -5.53
CA ILE C 258 -15.90 -5.26 -4.15
C ILE C 258 -17.20 -5.91 -3.70
N ARG C 259 -17.09 -6.94 -2.85
CA ARG C 259 -18.23 -7.57 -2.21
C ARG C 259 -18.34 -7.08 -0.77
N PHE C 260 -19.52 -6.66 -0.36
CA PHE C 260 -19.73 -6.43 1.06
C PHE C 260 -21.19 -6.68 1.41
N ALA C 261 -21.44 -6.71 2.72
CA ALA C 261 -22.78 -6.96 3.23
C ALA C 261 -23.07 -6.04 4.40
N ARG C 262 -24.35 -5.76 4.59
CA ARG C 262 -24.82 -5.04 5.75
C ARG C 262 -25.71 -5.99 6.53
N HIS C 263 -25.30 -6.32 7.75
CA HIS C 263 -26.04 -7.27 8.56
C HIS C 263 -27.04 -6.53 9.45
N TYR C 264 -28.22 -7.12 9.60
CA TYR C 264 -29.27 -6.61 10.47
C TYR C 264 -29.78 -7.75 11.32
N LYS C 265 -30.55 -7.40 12.35
CA LYS C 265 -31.23 -8.37 13.19
C LYS C 265 -32.72 -8.09 13.14
N LEU C 266 -33.52 -9.14 12.93
CA LEU C 266 -34.96 -9.01 12.94
C LEU C 266 -35.47 -9.00 14.38
N PRO C 267 -36.71 -8.52 14.61
CA PRO C 267 -37.25 -8.56 15.98
C PRO C 267 -37.09 -9.94 16.61
N ASP C 268 -37.28 -11.00 15.81
CA ASP C 268 -37.07 -12.36 16.30
C ASP C 268 -35.65 -12.56 16.80
N GLY C 269 -34.69 -11.80 16.25
CA GLY C 269 -33.30 -11.94 16.62
C GLY C 269 -32.46 -12.65 15.58
N THR C 270 -33.10 -13.34 14.64
CA THR C 270 -32.39 -14.03 13.57
C THR C 270 -31.69 -13.02 12.67
N GLU C 271 -30.61 -13.49 12.02
CA GLU C 271 -29.79 -12.61 11.20
C GLU C 271 -30.36 -12.42 9.81
N GLN C 272 -30.24 -11.19 9.31
CA GLN C 272 -30.65 -10.85 7.97
C GLN C 272 -29.60 -9.94 7.36
N ARG C 273 -29.27 -10.12 6.10
CA ARG C 273 -28.21 -9.29 5.54
C ARG C 273 -28.60 -8.79 4.17
N THR C 274 -27.95 -7.73 3.75
CA THR C 274 -28.15 -7.18 2.43
C THR C 274 -26.83 -7.22 1.70
N LEU C 275 -26.78 -7.99 0.61
CA LEU C 275 -25.54 -8.33 -0.05
C LEU C 275 -25.29 -7.37 -1.21
N PHE C 276 -24.11 -6.76 -1.24
CA PHE C 276 -23.73 -5.85 -2.32
C PHE C 276 -22.62 -6.42 -3.18
N LYS C 277 -22.81 -6.35 -4.49
CA LYS C 277 -21.72 -6.43 -5.44
C LYS C 277 -21.61 -5.07 -6.07
N ALA C 278 -20.52 -4.37 -5.77
CA ALA C 278 -20.33 -2.99 -6.22
C ALA C 278 -19.20 -2.97 -7.25
N TYR C 279 -19.56 -2.79 -8.53
CA TYR C 279 -18.57 -2.49 -9.56
C TYR C 279 -18.09 -1.05 -9.43
N GLY C 280 -16.82 -0.83 -9.75
CA GLY C 280 -16.34 0.53 -9.67
C GLY C 280 -14.91 0.67 -10.19
N ILE C 281 -14.46 1.91 -10.21
CA ILE C 281 -13.11 2.23 -10.63
C ILE C 281 -12.26 2.46 -9.38
N ARG C 282 -11.19 1.70 -9.25
CA ARG C 282 -10.18 1.91 -8.21
C ARG C 282 -9.07 2.77 -8.83
N PHE C 283 -8.92 3.99 -8.33
CA PHE C 283 -7.87 4.89 -8.79
C PHE C 283 -6.64 4.73 -7.92
N ASP C 284 -5.50 4.47 -8.55
CA ASP C 284 -4.23 4.29 -7.86
C ASP C 284 -3.35 5.51 -8.09
N VAL C 285 -3.02 6.23 -7.01
CA VAL C 285 -2.22 7.44 -7.13
C VAL C 285 -0.76 7.06 -6.91
N LEU C 286 0.00 7.06 -7.99
CA LEU C 286 1.40 6.61 -7.99
C LEU C 286 2.33 7.81 -8.07
N VAL C 287 3.09 8.07 -7.00
CA VAL C 287 3.94 9.25 -6.92
C VAL C 287 5.40 8.82 -6.83
N PHE C 288 6.17 9.06 -7.90
CA PHE C 288 7.61 8.85 -7.90
C PHE C 288 8.32 10.14 -8.29
N GLY C 289 9.58 10.27 -7.90
CA GLY C 289 10.30 11.45 -8.32
C GLY C 289 11.65 11.58 -7.65
N MET C 290 12.45 12.49 -8.21
CA MET C 290 13.78 12.73 -7.69
C MET C 290 14.03 14.23 -7.66
N GLY C 291 14.84 14.65 -6.71
CA GLY C 291 15.22 16.05 -6.62
C GLY C 291 16.69 16.18 -6.26
N GLY C 292 17.27 17.28 -6.68
CA GLY C 292 18.69 17.48 -6.53
C GLY C 292 19.01 18.89 -6.10
N GLN C 293 20.15 19.03 -5.41
CA GLN C 293 20.55 20.31 -4.86
C GLN C 293 22.07 20.36 -4.84
N PHE C 294 22.63 21.52 -5.19
CA PHE C 294 24.07 21.72 -5.18
C PHE C 294 24.66 21.35 -3.81
N LYS C 295 25.77 20.63 -3.84
CA LYS C 295 26.55 20.31 -2.64
C LYS C 295 28.01 20.41 -3.01
N LEU C 296 28.82 20.96 -2.09
CA LEU C 296 30.23 21.13 -2.43
C LEU C 296 30.96 19.79 -2.52
N ILE C 297 30.66 18.86 -1.61
CA ILE C 297 31.35 17.57 -1.61
C ILE C 297 31.12 16.83 -2.93
N GLU C 298 29.92 16.96 -3.49
CA GLU C 298 29.64 16.31 -4.77
C GLU C 298 30.46 16.93 -5.89
N LEU C 299 30.49 18.27 -5.97
CA LEU C 299 31.28 18.95 -6.98
C LEU C 299 32.76 18.60 -6.86
N PHE C 300 33.26 18.52 -5.63
CA PHE C 300 34.65 18.15 -5.41
C PHE C 300 34.92 16.72 -5.84
N THR C 301 34.05 15.77 -5.47
CA THR C 301 34.24 14.39 -5.90
C THR C 301 34.22 14.26 -7.42
N PHE C 302 33.37 15.07 -8.08
CA PHE C 302 33.35 15.04 -9.54
C PHE C 302 34.65 15.62 -10.11
N ILE C 303 35.09 16.76 -9.57
CA ILE C 303 36.35 17.38 -10.00
C ILE C 303 37.50 16.39 -9.82
N GLY C 304 37.61 15.80 -8.64
CA GLY C 304 38.66 14.83 -8.40
C GLY C 304 38.59 13.64 -9.32
N SER C 305 37.39 13.11 -9.55
CA SER C 305 37.25 11.96 -10.44
C SER C 305 37.69 12.29 -11.86
N THR C 306 37.22 13.40 -12.41
CA THR C 306 37.60 13.69 -13.78
C THR C 306 39.09 14.06 -13.87
N ILE C 307 39.65 14.71 -12.85
CA ILE C 307 41.10 14.95 -12.83
C ILE C 307 41.85 13.63 -12.84
N ALA C 308 41.42 12.67 -12.02
CA ALA C 308 42.06 11.35 -11.99
C ALA C 308 41.94 10.65 -13.34
N TYR C 309 40.71 10.35 -13.75
CA TYR C 309 40.49 9.56 -14.96
C TYR C 309 41.07 10.25 -16.19
N PHE C 310 40.62 11.48 -16.46
CA PHE C 310 41.05 12.14 -17.69
C PHE C 310 42.47 12.68 -17.62
N GLY C 311 43.07 12.78 -16.43
CA GLY C 311 44.50 13.05 -16.35
C GLY C 311 45.32 11.89 -16.87
N LEU C 312 44.93 10.66 -16.52
CA LEU C 312 45.55 9.47 -17.10
C LEU C 312 45.36 9.41 -18.60
N ALA C 313 44.16 9.72 -19.09
CA ALA C 313 43.92 9.69 -20.53
C ALA C 313 44.81 10.69 -21.27
N VAL C 314 44.93 11.90 -20.73
CA VAL C 314 45.77 12.93 -21.35
C VAL C 314 47.23 12.50 -21.38
N THR C 315 47.74 11.96 -20.28
CA THR C 315 49.14 11.54 -20.32
C THR C 315 49.31 10.38 -21.30
N ILE C 316 48.33 9.48 -21.36
CA ILE C 316 48.44 8.35 -22.28
C ILE C 316 48.56 8.85 -23.73
N ILE C 317 47.64 9.72 -24.16
CA ILE C 317 47.72 10.16 -25.55
C ILE C 317 48.93 11.07 -25.77
N GLU C 318 49.35 11.83 -24.75
CA GLU C 318 50.57 12.62 -24.87
C GLU C 318 51.78 11.70 -25.15
N MET C 319 51.97 10.69 -24.30
CA MET C 319 53.01 9.69 -24.54
C MET C 319 52.86 9.05 -25.91
N CYS C 320 51.64 8.79 -26.35
CA CYS C 320 51.42 8.13 -27.64
C CYS C 320 51.84 9.03 -28.82
N PHE C 321 51.39 10.29 -28.80
CA PHE C 321 51.77 11.22 -29.87
C PHE C 321 53.26 11.53 -29.87
N HIS C 322 53.91 11.55 -28.71
CA HIS C 322 55.35 11.70 -28.74
C HIS C 322 56.03 10.43 -29.24
N LEU C 323 55.70 9.30 -28.63
CA LEU C 323 56.40 8.05 -28.87
C LEU C 323 56.27 7.58 -30.30
N TYR C 324 55.17 7.90 -30.98
CA TYR C 324 54.99 7.38 -32.34
C TYR C 324 55.26 8.40 -33.45
N ASN C 325 54.53 9.51 -33.50
CA ASN C 325 54.85 10.45 -34.56
C ASN C 325 55.84 11.51 -34.07
C1 NAG D . -13.16 -18.13 36.82
C2 NAG D . -13.20 -19.64 36.67
C3 NAG D . -11.76 -19.90 36.34
C4 NAG D . -11.44 -19.23 34.99
C5 NAG D . -11.87 -17.75 34.90
C6 NAG D . -12.05 -17.27 33.46
C7 NAG D . -14.89 -20.42 38.22
C8 NAG D . -15.28 -21.20 39.45
N2 NAG D . -13.59 -20.31 37.91
O3 NAG D . -11.63 -21.31 36.34
O4 NAG D . -10.03 -19.34 34.74
O5 NAG D . -13.13 -17.52 35.54
O6 NAG D . -10.96 -17.64 32.60
O7 NAG D . -15.74 -19.89 37.53
PG 128 E . -17.98 -10.52 -13.01
O1G 128 E . -16.99 -10.73 -14.13
O2G 128 E . -19.37 -10.97 -13.40
O3G 128 E . -17.95 -9.09 -12.49
PB 128 E . -16.20 -11.61 -10.85
O1B 128 E . -15.42 -10.34 -10.86
O2B 128 E . -16.58 -12.19 -9.55
O3B 128 E . -17.52 -11.41 -11.74
PA 128 E . -14.92 -12.89 -13.17
O1A 128 E . -13.74 -12.01 -13.41
O2A 128 E . -16.12 -12.80 -14.05
O3A 128 E . -15.42 -12.74 -11.66
O5' 128 E . -14.46 -14.42 -13.15
C5' 128 E . -14.26 -15.07 -14.44
C4' 128 E . -14.29 -16.51 -14.00
O4' 128 E . -13.25 -16.71 -13.05
C3' 128 E . -15.54 -16.83 -13.18
O3' 128 E . -16.63 -17.32 -13.97
C2' 128 E . -15.10 -18.00 -12.31
O2' 128 E . -15.51 -19.11 -13.09
C1' 128 E . -13.57 -17.85 -12.26
N9 128 E . -13.06 -17.58 -10.92
C8 128 E . -13.11 -16.40 -10.24
N7 128 E . -12.58 -16.48 -9.05
C5 128 E . -12.12 -17.79 -8.95
C6 128 E . -11.47 -18.48 -7.92
N6 128 E . -11.14 -17.94 -6.75
N1 128 E . -11.17 -19.79 -8.14
C2 128 E . -11.51 -20.32 -9.32
N3 128 E . -12.14 -19.77 -10.35
C4 128 E . -12.42 -18.48 -10.09
C1F 128 E . -16.78 -18.74 -13.67
C2F 128 E . -16.73 -19.67 -14.87
C3F 128 E . -17.64 -20.66 -15.11
C4F 128 E . -18.70 -20.89 -14.26
C5F 128 E . -18.89 -20.08 -13.16
C6F 128 E . -18.02 -19.05 -12.84
N2F 128 E . -15.67 -19.56 -15.78
N4F 128 E . -19.57 -21.92 -14.59
N6F 128 E . -18.35 -18.31 -11.67
O2F 128 E . -14.81 -18.67 -15.63
O3F 128 E . -15.62 -20.37 -16.74
O4F 128 E . -20.65 -22.19 -13.79
O5F 128 E . -19.38 -22.65 -15.59
O6F 128 E . -19.38 -18.64 -11.04
O7F 128 E . -17.66 -17.35 -11.28
PG 128 F . -3.53 -12.54 20.41
O1G 128 F . -2.50 -12.63 19.31
O2G 128 F . -3.34 -13.61 21.47
O3G 128 F . -4.94 -12.48 19.87
PB 128 F . -3.20 -9.60 20.68
O1B 128 F . -4.33 -9.28 19.77
O2B 128 F . -2.97 -8.75 21.88
O3B 128 F . -3.29 -11.12 21.17
PA 128 F . -0.43 -10.25 20.30
O1A 128 F . 0.62 -9.79 19.36
O2A 128 F . -0.58 -11.71 20.54
O3A 128 F . -1.85 -9.65 19.84
O5' 128 F . -0.27 -9.51 21.70
C5' 128 F . 0.74 -9.98 22.61
C4' 128 F . 0.79 -8.97 23.72
O4' 128 F . 1.16 -7.68 23.19
C3' 128 F . -0.56 -8.66 24.32
O3' 128 F . -0.85 -9.58 25.38
C2' 128 F . -0.31 -7.31 25.02
O2' 128 F . 0.11 -7.72 26.31
C1' 128 F . 0.83 -6.71 24.18
N9 128 F . 0.48 -5.52 23.45
C8 128 F . -0.18 -5.47 22.25
N7 128 F . -0.34 -4.25 21.82
C5 128 F . 0.27 -3.44 22.77
C6 128 F . 0.44 -2.05 22.86
N6 128 F . 0.00 -1.20 21.94
N1 128 F . 1.10 -1.57 23.95
C2 128 F . 1.55 -2.44 24.86
N3 128 F . 1.44 -3.77 24.87
C4 128 F . 0.78 -4.22 23.79
C1F 128 F . -0.65 -8.89 26.64
C2F 128 F . 0.30 -9.65 27.58
C3F 128 F . -0.04 -10.10 28.83
C4F 128 F . -1.30 -9.90 29.33
C5F 128 F . -2.26 -9.23 28.60
C6F 128 F . -2.01 -8.73 27.34
N2F 128 F . 1.61 -9.90 27.17
N4F 128 F . -1.62 -10.38 30.60
N6F 128 F . -3.11 -8.08 26.73
O2F 128 F . 2.02 -9.52 26.05
O3F 128 F . 2.37 -10.52 27.95
O4F 128 F . -0.66 -11.04 31.32
O5F 128 F . -2.77 -10.20 31.09
O6F 128 F . -4.18 -8.01 27.38
O7F 128 F . -3.04 -7.58 25.58
C1 NAG G . -28.11 30.34 11.88
C2 NAG G . -27.22 30.85 13.00
C3 NAG G . -26.24 31.88 12.48
C4 NAG G . -25.43 31.26 11.36
C5 NAG G . -26.34 30.66 10.28
C6 NAG G . -25.56 29.82 9.28
C7 NAG G . -28.32 30.78 15.13
C8 NAG G . -29.58 31.20 15.85
N2 NAG G . -28.05 31.45 14.02
O3 NAG G . -25.41 32.32 13.57
O4 NAG G . -24.60 32.29 10.83
O5 NAG G . -27.33 29.79 10.81
O6 NAG G . -24.44 29.17 9.90
O7 NAG G . -27.59 29.87 15.52
PG 128 H . -13.04 20.80 7.27
O1G 128 H . -12.03 21.70 7.94
O2G 128 H . -14.21 21.56 6.70
O3G 128 H . -13.46 19.65 8.16
PB 128 H . -12.79 19.10 4.90
O1B 128 H . -13.04 17.78 5.52
O2B 128 H . -13.85 19.75 4.09
O3B 128 H . -12.27 20.12 6.01
PA 128 H . -10.69 20.16 3.30
O1A 128 H . -9.74 19.57 2.31
O2A 128 H . -10.15 20.99 4.41
O3A 128 H . -11.50 18.96 3.96
O5' 128 H . -11.86 20.93 2.55
C5' 128 H . -11.57 22.26 2.05
C4' 128 H . -12.42 22.53 0.83
O4' 128 H . -12.07 21.62 -0.23
C3' 128 H . -13.89 22.19 1.04
O3' 128 H . -14.58 23.36 1.48
C2' 128 H . -14.40 21.93 -0.38
O2' 128 H . -14.96 23.17 -0.76
C1' 128 H . -13.11 21.63 -1.17
N9 128 H . -13.13 20.31 -1.78
C8 128 H . -12.77 19.14 -1.17
N7 128 H . -12.87 18.10 -1.96
C5 128 H . -13.31 18.63 -3.16
C6 128 H . -13.61 18.03 -4.40
N6 128 H . -13.50 16.72 -4.63
N1 128 H . -14.03 18.85 -5.40
C2 128 H . -14.13 20.16 -5.16
N3 128 H . -13.89 20.83 -4.04
C4 128 H . -13.47 19.99 -3.06
C1F 128 H . -15.50 23.74 0.43
C2F 128 H . -15.38 25.22 0.13
C3F 128 H . -16.39 26.12 0.20
C4F 128 H . -17.65 25.74 0.61
C5F 128 H . -17.91 24.41 0.93
C6F 128 H . -16.94 23.42 0.85
N2F 128 H . -14.16 25.73 -0.28
N4F 128 H . -18.65 26.69 0.71
N6F 128 H . -17.39 22.11 1.21
O2F 128 H . -13.17 24.96 -0.41
O3F 128 H . -14.09 26.95 -0.53
O4F 128 H . -18.36 28.01 0.40
O5F 128 H . -19.81 26.39 1.08
O6F 128 H . -18.59 21.96 1.56
O7F 128 H . -16.61 21.12 1.21
C1 NAG I . -34.92 -19.68 -16.77
C2 NAG I . -35.14 -18.47 -17.67
C3 NAG I . -34.26 -18.85 -18.83
C4 NAG I . -32.80 -18.91 -18.36
C5 NAG I . -32.60 -19.68 -17.04
C6 NAG I . -31.42 -19.11 -16.29
C7 NAG I . -37.40 -17.51 -17.67
C8 NAG I . -36.88 -16.30 -16.92
N2 NAG I . -36.51 -18.40 -18.12
O3 NAG I . -34.48 -17.93 -19.90
O4 NAG I . -32.07 -19.59 -19.39
O5 NAG I . -33.67 -19.56 -16.12
O6 NAG I . -30.43 -20.12 -16.36
O7 NAG I . -38.58 -17.66 -17.86
#